data_4U0N
#
_entry.id   4U0N
#
_cell.length_a   73.605
_cell.length_b   49.253
_cell.length_c   122.233
_cell.angle_alpha   90.00
_cell.angle_beta   98.66
_cell.angle_gamma   90.00
#
_symmetry.space_group_name_H-M   'P 1 21 1'
#
loop_
_entity.id
_entity.type
_entity.pdbx_description
1 polymer 'Cyclic AMP-GMP synthase'
2 non-polymer 'MAGNESIUM ION'
3 non-polymer 'N-[4-({[(6S)-2-amino-5-methyl-4-oxo-1,4,5,6,7,8-hexahydropteridin-6-yl]methyl}amino)benzoyl]-L-gamma-glutamyl-L-glutamic acid'
4 water water
#
_entity_poly.entity_id   1
_entity_poly.type   'polypeptide(L)'
_entity_poly.pdbx_seq_one_letter_code
;MRMTWNFHQYYTNRNDGLMGKLVLTDEEKNNLKALRKIIRLRTRDVFEEAKGIAKAVKKSALTFEIIQEKVSTTQIKHLS
DSEQREVAKLIYEMDDDARDEFLGLTPRFWTQGSFQYDTLNRPFQPGQEMDIDDGTYMPMPIFESEPKIGHSLLILLVDA
SLKSLVAENHGWKFEAKQTCGRIKIEAEKTHIDVPMYAIPKDELDSENVNLALREGDRKWINSDPKIVEDWFNDSCIRIG
KHLRKVCRFMKAWRDAQWDVGGPSSISLMAATVNILDSVAHDASDLGETMKIIAKHLPSEFARGVESPDSTDEKPLFPPS
YKHGPREMDIMSKLERLPEILSSAESADSKSEALKKINMAFGNRVTNSELIVLAKALPAFAQELEHHHHHH
;
_entity_poly.pdbx_strand_id   A,B
#
# COMPACT_ATOMS: atom_id res chain seq x y z
N MET A 3 25.89 10.69 26.04
CA MET A 3 26.00 9.34 25.49
C MET A 3 24.64 8.77 25.12
N THR A 4 24.17 9.08 23.92
CA THR A 4 23.04 8.37 23.34
C THR A 4 23.48 7.90 21.97
N TRP A 5 23.64 6.59 21.81
CA TRP A 5 24.13 6.06 20.54
C TRP A 5 22.97 5.67 19.62
N ASN A 6 23.13 5.98 18.33
CA ASN A 6 22.16 5.61 17.30
C ASN A 6 22.68 4.41 16.52
N PHE A 7 21.84 3.41 16.30
CA PHE A 7 22.28 2.16 15.67
C PHE A 7 21.67 1.90 14.29
N HIS A 8 21.01 2.88 13.70
CA HIS A 8 20.33 2.66 12.42
C HIS A 8 21.25 2.08 11.35
N GLN A 9 22.50 2.51 11.33
CA GLN A 9 23.45 2.02 10.34
C GLN A 9 24.12 0.73 10.78
N TYR A 10 24.18 0.50 12.09
CA TYR A 10 24.61 -0.78 12.63
C TYR A 10 23.71 -1.87 12.06
N TYR A 11 22.41 -1.57 11.96
CA TYR A 11 21.42 -2.53 11.49
C TYR A 11 21.38 -2.64 9.97
N THR A 12 21.27 -1.50 9.29
CA THR A 12 20.88 -1.47 7.87
C THR A 12 22.02 -1.47 6.87
N ASN A 13 23.25 -1.18 7.31
CA ASN A 13 24.39 -1.17 6.40
C ASN A 13 24.55 -2.50 5.68
N ARG A 14 24.46 -2.47 4.35
CA ARG A 14 24.42 -3.70 3.55
C ARG A 14 25.80 -4.30 3.30
N ASN A 15 26.84 -3.65 3.80
CA ASN A 15 28.18 -4.24 3.73
C ASN A 15 28.68 -4.69 5.11
N ASP A 16 28.92 -3.74 6.00
CA ASP A 16 29.41 -4.04 7.34
C ASP A 16 28.34 -4.15 8.42
N GLY A 17 27.11 -3.76 8.09
CA GLY A 17 26.03 -3.80 9.07
C GLY A 17 25.46 -5.20 9.24
N LEU A 18 24.41 -5.31 10.06
CA LEU A 18 23.80 -6.62 10.32
C LEU A 18 23.21 -7.20 9.04
N MET A 19 22.56 -6.35 8.23
CA MET A 19 22.03 -6.77 6.94
C MET A 19 23.11 -7.37 6.06
N GLY A 20 24.29 -6.75 6.07
CA GLY A 20 25.40 -7.22 5.27
C GLY A 20 25.95 -8.55 5.76
N LYS A 21 25.68 -8.88 7.03
CA LYS A 21 26.18 -10.10 7.62
C LYS A 21 25.14 -11.23 7.52
N LEU A 22 23.88 -10.85 7.33
CA LEU A 22 22.78 -11.81 7.31
C LEU A 22 22.37 -12.24 5.90
N VAL A 23 22.34 -11.29 4.97
CA VAL A 23 21.92 -11.56 3.59
C VAL A 23 22.93 -12.43 2.84
N LEU A 24 22.45 -13.48 2.19
CA LEU A 24 23.31 -14.34 1.40
C LEU A 24 23.82 -13.62 0.14
N THR A 25 25.05 -13.93 -0.26
CA THR A 25 25.59 -13.39 -1.49
C THR A 25 24.74 -13.87 -2.66
N ASP A 26 24.83 -13.19 -3.81
CA ASP A 26 24.12 -13.63 -5.01
C ASP A 26 24.59 -15.02 -5.42
N GLU A 27 25.85 -15.34 -5.12
CA GLU A 27 26.37 -16.67 -5.43
C GLU A 27 25.76 -17.75 -4.54
N GLU A 28 25.85 -17.56 -3.22
CA GLU A 28 25.32 -18.52 -2.26
C GLU A 28 23.83 -18.81 -2.52
N LYS A 29 23.09 -17.78 -2.90
CA LYS A 29 21.68 -17.93 -3.26
C LYS A 29 21.54 -18.85 -4.47
N ASN A 30 22.33 -18.58 -5.51
CA ASN A 30 22.27 -19.36 -6.74
C ASN A 30 22.62 -20.84 -6.51
N ASN A 31 23.43 -21.12 -5.50
CA ASN A 31 23.80 -22.48 -5.16
C ASN A 31 22.65 -23.24 -4.51
N LEU A 32 21.84 -22.52 -3.72
CA LEU A 32 20.62 -23.10 -3.15
C LEU A 32 19.60 -23.36 -4.26
N LYS A 33 19.50 -22.42 -5.20
CA LYS A 33 18.62 -22.57 -6.36
C LYS A 33 19.02 -23.79 -7.19
N ALA A 34 20.33 -23.99 -7.34
CA ALA A 34 20.85 -25.13 -8.09
C ALA A 34 20.51 -26.44 -7.39
N LEU A 35 20.74 -26.48 -6.08
CA LEU A 35 20.35 -27.63 -5.25
C LEU A 35 18.87 -27.94 -5.45
N ARG A 36 18.04 -26.91 -5.30
CA ARG A 36 16.60 -27.06 -5.42
C ARG A 36 16.21 -27.62 -6.80
N LYS A 37 16.91 -27.17 -7.84
CA LYS A 37 16.63 -27.58 -9.21
C LYS A 37 16.98 -29.05 -9.41
N ILE A 38 18.07 -29.49 -8.79
CA ILE A 38 18.50 -30.89 -8.89
C ILE A 38 17.44 -31.84 -8.31
N ILE A 39 16.84 -31.42 -7.20
CA ILE A 39 15.80 -32.22 -6.55
C ILE A 39 14.56 -32.32 -7.42
N ARG A 40 14.05 -31.18 -7.87
CA ARG A 40 12.85 -31.13 -8.70
C ARG A 40 12.99 -31.98 -9.95
N LEU A 41 14.14 -31.90 -10.61
CA LEU A 41 14.39 -32.66 -11.83
C LEU A 41 14.37 -34.16 -11.57
N ARG A 42 15.01 -34.58 -10.48
CA ARG A 42 15.05 -36.00 -10.11
C ARG A 42 13.67 -36.52 -9.75
N THR A 43 12.87 -35.70 -9.07
CA THR A 43 11.52 -36.10 -8.69
C THR A 43 10.66 -36.29 -9.93
N ARG A 44 10.75 -35.35 -10.87
CA ARG A 44 10.04 -35.47 -12.15
C ARG A 44 10.52 -36.72 -12.88
N ASP A 45 11.82 -36.92 -12.92
CA ASP A 45 12.41 -38.07 -13.59
C ASP A 45 11.91 -39.39 -13.01
N VAL A 46 11.79 -39.46 -11.68
CA VAL A 46 11.35 -40.68 -11.02
C VAL A 46 9.89 -41.01 -11.36
N PHE A 47 9.04 -39.99 -11.34
CA PHE A 47 7.63 -40.18 -11.69
C PHE A 47 7.46 -40.66 -13.13
N GLU A 48 8.29 -40.17 -14.03
CA GLU A 48 8.27 -40.63 -15.42
C GLU A 48 8.65 -42.10 -15.51
N GLU A 49 9.69 -42.50 -14.79
CA GLU A 49 10.12 -43.90 -14.76
C GLU A 49 9.00 -44.80 -14.26
N ALA A 50 8.33 -44.37 -13.20
CA ALA A 50 7.20 -45.13 -12.63
C ALA A 50 6.01 -45.15 -13.59
N LYS A 51 5.66 -43.97 -14.11
CA LYS A 51 4.61 -43.86 -15.12
C LYS A 51 4.96 -44.69 -16.36
N GLY A 52 6.25 -44.81 -16.64
CA GLY A 52 6.71 -45.65 -17.73
C GLY A 52 6.32 -47.10 -17.53
N ILE A 53 6.41 -47.59 -16.29
CA ILE A 53 6.03 -48.95 -15.97
C ILE A 53 4.52 -49.10 -16.00
N ALA A 54 3.82 -48.12 -15.46
CA ALA A 54 2.36 -48.09 -15.47
C ALA A 54 1.78 -48.14 -16.88
N LYS A 55 2.42 -47.47 -17.83
CA LYS A 55 1.93 -47.44 -19.20
C LYS A 55 2.08 -48.81 -19.86
N ALA A 56 3.13 -49.53 -19.49
CA ALA A 56 3.35 -50.87 -20.00
C ALA A 56 2.27 -51.82 -19.47
N VAL A 57 1.83 -51.57 -18.24
CA VAL A 57 0.81 -52.39 -17.60
C VAL A 57 -0.58 -52.13 -18.21
N LYS A 58 -0.83 -50.88 -18.58
CA LYS A 58 -2.08 -50.51 -19.25
C LYS A 58 -2.16 -51.21 -20.61
N LYS A 59 -1.02 -51.29 -21.29
CA LYS A 59 -0.95 -51.95 -22.59
C LYS A 59 -1.15 -53.46 -22.50
N SER A 60 -0.62 -54.04 -21.43
CA SER A 60 -0.73 -55.47 -21.19
C SER A 60 -0.55 -55.68 -19.69
N ALA A 61 -1.38 -56.52 -19.08
CA ALA A 61 -1.33 -56.56 -17.63
C ALA A 61 -0.26 -57.57 -17.27
N LEU A 62 0.85 -57.04 -16.81
CA LEU A 62 2.05 -57.82 -16.59
C LEU A 62 1.96 -58.55 -15.26
N THR A 63 2.68 -59.67 -15.15
CA THR A 63 2.80 -60.35 -13.88
C THR A 63 3.51 -59.44 -12.88
N PHE A 64 3.40 -59.77 -11.59
CA PHE A 64 4.05 -58.99 -10.55
C PHE A 64 5.57 -59.09 -10.65
N GLU A 65 6.04 -60.27 -11.06
CA GLU A 65 7.46 -60.55 -11.19
C GLU A 65 8.10 -59.66 -12.27
N ILE A 66 7.38 -59.46 -13.37
CA ILE A 66 7.88 -58.60 -14.44
C ILE A 66 7.81 -57.12 -14.03
N ILE A 67 6.72 -56.74 -13.35
CA ILE A 67 6.60 -55.38 -12.84
C ILE A 67 7.74 -55.07 -11.88
N GLN A 68 8.07 -56.04 -11.04
CA GLN A 68 9.12 -55.86 -10.05
C GLN A 68 10.49 -55.70 -10.72
N GLU A 69 10.78 -56.55 -11.70
CA GLU A 69 12.02 -56.44 -12.47
C GLU A 69 12.19 -55.04 -13.09
N LYS A 70 11.12 -54.50 -13.67
CA LYS A 70 11.14 -53.14 -14.22
C LYS A 70 11.41 -52.10 -13.13
N VAL A 71 10.76 -52.26 -11.98
CA VAL A 71 10.99 -51.34 -10.86
C VAL A 71 12.44 -51.36 -10.43
N SER A 72 13.02 -52.56 -10.39
CA SER A 72 14.37 -52.77 -9.84
C SER A 72 15.47 -52.01 -10.58
N THR A 73 15.21 -51.64 -11.84
CA THR A 73 16.22 -50.95 -12.64
C THR A 73 15.91 -49.46 -12.81
N THR A 74 14.99 -48.95 -12.00
CA THR A 74 14.70 -47.53 -11.96
C THR A 74 15.43 -46.93 -10.76
N GLN A 75 15.31 -45.62 -10.56
CA GLN A 75 15.89 -44.98 -9.39
C GLN A 75 15.27 -45.53 -8.10
N ILE A 76 14.17 -46.27 -8.25
CA ILE A 76 13.46 -46.85 -7.11
C ILE A 76 14.28 -48.00 -6.52
N LYS A 77 15.36 -48.37 -7.20
CA LYS A 77 16.29 -49.37 -6.69
C LYS A 77 16.99 -48.90 -5.43
N HIS A 78 16.90 -47.60 -5.14
CA HIS A 78 17.58 -47.03 -3.96
C HIS A 78 16.72 -47.11 -2.70
N LEU A 79 15.52 -47.68 -2.82
CA LEU A 79 14.70 -47.98 -1.66
C LEU A 79 15.04 -49.39 -1.18
N SER A 80 14.52 -49.77 -0.02
CA SER A 80 14.72 -51.12 0.49
C SER A 80 13.98 -52.15 -0.35
N ASP A 81 14.26 -53.43 -0.13
CA ASP A 81 13.63 -54.50 -0.87
C ASP A 81 12.12 -54.52 -0.66
N SER A 82 11.70 -54.31 0.58
CA SER A 82 10.27 -54.30 0.91
C SER A 82 9.56 -53.11 0.28
N GLU A 83 10.25 -51.97 0.23
CA GLU A 83 9.70 -50.77 -0.39
C GLU A 83 9.56 -50.92 -1.91
N GLN A 84 10.52 -51.58 -2.55
CA GLN A 84 10.43 -51.89 -3.98
C GLN A 84 9.27 -52.84 -4.26
N ARG A 85 9.12 -53.84 -3.40
CA ARG A 85 8.01 -54.78 -3.48
C ARG A 85 6.70 -54.01 -3.37
N GLU A 86 6.67 -53.05 -2.44
CA GLU A 86 5.47 -52.26 -2.18
C GLU A 86 5.10 -51.39 -3.38
N VAL A 87 6.11 -50.78 -4.01
CA VAL A 87 5.88 -49.99 -5.23
C VAL A 87 5.34 -50.88 -6.34
N ALA A 88 5.99 -52.02 -6.55
CA ALA A 88 5.58 -52.94 -7.60
C ALA A 88 4.18 -53.48 -7.34
N LYS A 89 3.86 -53.69 -6.07
CA LYS A 89 2.55 -54.21 -5.69
C LYS A 89 1.44 -53.17 -5.94
N LEU A 90 1.74 -51.92 -5.62
CA LEU A 90 0.80 -50.83 -5.81
C LEU A 90 0.50 -50.62 -7.29
N ILE A 91 1.54 -50.73 -8.12
CA ILE A 91 1.37 -50.62 -9.56
C ILE A 91 0.57 -51.80 -10.09
N TYR A 92 0.86 -52.98 -9.54
CA TYR A 92 0.19 -54.22 -9.93
C TYR A 92 -1.30 -54.16 -9.59
N GLU A 93 -1.62 -53.44 -8.52
CA GLU A 93 -2.98 -53.41 -7.99
C GLU A 93 -3.86 -52.31 -8.58
N MET A 94 -3.26 -51.37 -9.30
CA MET A 94 -4.01 -50.25 -9.88
C MET A 94 -5.16 -50.74 -10.77
N ASP A 95 -6.33 -50.12 -10.59
CA ASP A 95 -7.46 -50.33 -11.50
C ASP A 95 -7.24 -49.43 -12.72
N ASP A 96 -8.04 -49.63 -13.76
CA ASP A 96 -7.92 -48.80 -14.96
C ASP A 96 -8.07 -47.31 -14.63
N ASP A 97 -9.07 -47.00 -13.81
CA ASP A 97 -9.36 -45.63 -13.40
C ASP A 97 -8.17 -44.99 -12.70
N ALA A 98 -7.57 -45.73 -11.77
CA ALA A 98 -6.43 -45.23 -11.01
C ALA A 98 -5.20 -45.04 -11.90
N ARG A 99 -4.93 -46.02 -12.77
CA ARG A 99 -3.75 -45.99 -13.61
C ARG A 99 -3.76 -44.82 -14.60
N ASP A 100 -4.92 -44.55 -15.19
CA ASP A 100 -5.08 -43.41 -16.08
C ASP A 100 -4.84 -42.09 -15.35
N GLU A 101 -5.23 -42.03 -14.09
CA GLU A 101 -4.95 -40.86 -13.27
C GLU A 101 -3.46 -40.69 -13.13
N PHE A 102 -2.80 -41.77 -12.71
CA PHE A 102 -1.36 -41.75 -12.46
C PHE A 102 -0.60 -41.37 -13.73
N LEU A 103 -1.06 -41.88 -14.87
CA LEU A 103 -0.41 -41.60 -16.14
C LEU A 103 -0.55 -40.13 -16.57
N GLY A 104 -1.48 -39.41 -15.96
CA GLY A 104 -1.66 -38.00 -16.28
C GLY A 104 -1.04 -37.09 -15.23
N LEU A 105 -0.41 -37.69 -14.22
CA LEU A 105 0.16 -36.92 -13.12
C LEU A 105 1.63 -36.57 -13.37
N THR A 106 1.94 -35.27 -13.34
CA THR A 106 3.34 -34.84 -13.30
C THR A 106 3.53 -33.91 -12.11
N PRO A 107 4.65 -34.07 -11.38
CA PRO A 107 4.86 -33.29 -10.16
C PRO A 107 5.10 -31.82 -10.45
N ARG A 108 4.56 -30.98 -9.58
CA ARG A 108 4.56 -29.54 -9.80
C ARG A 108 5.34 -28.86 -8.68
N PHE A 109 5.87 -27.67 -8.97
CA PHE A 109 6.64 -26.94 -7.98
C PHE A 109 6.26 -25.46 -7.97
N TRP A 110 6.43 -24.81 -6.83
CA TRP A 110 5.88 -23.48 -6.63
C TRP A 110 6.84 -22.41 -7.12
N THR A 111 6.41 -21.67 -8.14
CA THR A 111 7.22 -20.67 -8.80
C THR A 111 7.40 -19.42 -7.95
N GLN A 112 6.45 -19.17 -7.04
CA GLN A 112 6.45 -17.97 -6.23
C GLN A 112 7.29 -18.12 -4.96
N GLY A 113 7.71 -19.35 -4.70
CA GLY A 113 8.46 -19.65 -3.50
C GLY A 113 9.80 -18.95 -3.45
N SER A 114 10.01 -18.17 -2.38
CA SER A 114 11.30 -17.61 -2.08
C SER A 114 11.90 -18.39 -0.93
N PHE A 115 13.09 -18.01 -0.48
CA PHE A 115 13.70 -18.66 0.67
C PHE A 115 13.28 -17.96 1.96
N GLN A 116 12.42 -18.62 2.73
CA GLN A 116 11.94 -18.08 3.99
C GLN A 116 11.34 -16.68 3.86
N TYR A 117 10.45 -16.51 2.87
CA TYR A 117 9.78 -15.24 2.65
C TYR A 117 10.81 -14.13 2.41
N ASP A 118 11.94 -14.52 1.83
CA ASP A 118 13.04 -13.60 1.52
C ASP A 118 13.72 -13.03 2.76
N THR A 119 13.80 -13.84 3.82
CA THR A 119 14.48 -13.44 5.04
C THR A 119 15.43 -14.53 5.54
N LEU A 120 16.00 -15.30 4.61
CA LEU A 120 16.91 -16.37 4.99
C LEU A 120 18.25 -15.77 5.40
N ASN A 121 18.64 -16.02 6.65
CA ASN A 121 19.89 -15.49 7.20
C ASN A 121 21.03 -16.48 7.07
N ARG A 122 22.23 -15.97 6.85
CA ARG A 122 23.43 -16.79 6.97
C ARG A 122 23.44 -17.44 8.35
N PRO A 123 23.75 -18.73 8.42
CA PRO A 123 23.80 -19.43 9.70
C PRO A 123 24.88 -18.81 10.59
N PHE A 124 24.66 -18.79 11.90
CA PHE A 124 25.57 -18.11 12.82
C PHE A 124 26.48 -19.09 13.54
N GLN A 125 25.91 -19.88 14.45
CA GLN A 125 26.70 -20.78 15.28
C GLN A 125 27.02 -22.08 14.59
N PRO A 126 28.16 -22.70 14.95
CA PRO A 126 28.58 -23.98 14.39
C PRO A 126 27.50 -25.03 14.58
N GLY A 127 27.13 -25.72 13.50
CA GLY A 127 26.09 -26.71 13.56
C GLY A 127 24.73 -26.20 13.10
N GLN A 128 24.56 -24.87 13.11
CA GLN A 128 23.33 -24.27 12.63
C GLN A 128 23.28 -24.34 11.11
N GLU A 129 22.13 -24.71 10.59
CA GLU A 129 21.97 -24.94 9.15
C GLU A 129 20.82 -24.13 8.60
N MET A 130 20.88 -23.82 7.31
CA MET A 130 19.78 -23.13 6.65
C MET A 130 18.62 -24.09 6.39
N ASP A 131 17.42 -23.69 6.81
CA ASP A 131 16.21 -24.51 6.62
C ASP A 131 15.49 -24.09 5.33
N ILE A 132 15.65 -24.89 4.29
CA ILE A 132 15.02 -24.63 3.00
C ILE A 132 13.90 -25.61 2.73
N ASP A 133 12.73 -25.09 2.37
CA ASP A 133 11.58 -25.92 2.04
C ASP A 133 11.22 -25.77 0.56
N ASP A 134 11.15 -26.89 -0.15
CA ASP A 134 10.62 -26.88 -1.52
C ASP A 134 9.60 -28.00 -1.69
N GLY A 135 8.32 -27.64 -1.73
CA GLY A 135 7.26 -28.62 -1.82
C GLY A 135 7.07 -29.18 -3.22
N THR A 136 6.58 -30.41 -3.29
CA THR A 136 6.21 -31.04 -4.55
C THR A 136 4.69 -31.14 -4.57
N TYR A 137 4.06 -30.53 -5.57
CA TYR A 137 2.61 -30.47 -5.61
C TYR A 137 2.06 -31.45 -6.65
N MET A 138 1.11 -32.28 -6.22
CA MET A 138 0.57 -33.34 -7.06
C MET A 138 -0.85 -33.00 -7.50
N PRO A 139 -1.00 -32.46 -8.71
CA PRO A 139 -2.34 -32.10 -9.21
C PRO A 139 -3.17 -33.36 -9.39
N MET A 140 -4.19 -33.54 -8.57
CA MET A 140 -5.06 -34.71 -8.68
C MET A 140 -6.53 -34.32 -8.50
N PRO A 141 -7.43 -35.25 -8.85
CA PRO A 141 -8.86 -35.05 -8.60
C PRO A 141 -9.10 -34.79 -7.13
N ILE A 142 -9.97 -33.83 -6.81
CA ILE A 142 -10.33 -33.55 -5.43
C ILE A 142 -10.84 -34.82 -4.77
N PHE A 143 -10.24 -35.19 -3.64
CA PHE A 143 -10.58 -36.43 -2.96
C PHE A 143 -11.12 -36.20 -1.56
N GLU A 144 -12.05 -37.06 -1.15
CA GLU A 144 -12.65 -36.96 0.17
C GLU A 144 -11.69 -37.46 1.25
N SER A 145 -11.38 -38.75 1.20
CA SER A 145 -10.45 -39.37 2.12
C SER A 145 -9.11 -39.63 1.42
N GLU A 146 -9.14 -40.51 0.43
CA GLU A 146 -7.94 -40.86 -0.33
C GLU A 146 -8.17 -40.63 -1.81
N PRO A 147 -7.15 -40.07 -2.49
CA PRO A 147 -7.15 -39.83 -3.94
C PRO A 147 -6.86 -41.11 -4.71
N LYS A 148 -7.23 -41.14 -5.99
CA LYS A 148 -7.01 -42.33 -6.83
C LYS A 148 -5.56 -42.81 -6.73
N ILE A 149 -4.62 -41.89 -6.93
CA ILE A 149 -3.22 -42.21 -6.70
C ILE A 149 -3.01 -42.19 -5.19
N GLY A 150 -2.53 -43.31 -4.65
CA GLY A 150 -2.44 -43.47 -3.21
C GLY A 150 -1.36 -42.66 -2.50
N HIS A 151 -1.62 -42.38 -1.23
CA HIS A 151 -0.66 -41.78 -0.33
C HIS A 151 0.67 -42.52 -0.37
N SER A 152 0.60 -43.84 -0.19
CA SER A 152 1.80 -44.68 -0.10
C SER A 152 2.70 -44.57 -1.33
N LEU A 153 2.12 -44.72 -2.53
CA LEU A 153 2.91 -44.68 -3.75
C LEU A 153 3.64 -43.35 -3.92
N LEU A 154 2.92 -42.26 -3.72
CA LEU A 154 3.49 -40.92 -3.88
C LEU A 154 4.68 -40.68 -2.95
N ILE A 155 4.53 -41.04 -1.67
CA ILE A 155 5.62 -40.88 -0.71
C ILE A 155 6.81 -41.76 -1.08
N LEU A 156 6.53 -43.00 -1.49
CA LEU A 156 7.58 -43.92 -1.90
C LEU A 156 8.38 -43.36 -3.08
N LEU A 157 7.67 -42.79 -4.05
CA LEU A 157 8.33 -42.19 -5.22
C LEU A 157 9.16 -40.95 -4.85
N VAL A 158 8.65 -40.12 -3.94
CA VAL A 158 9.41 -38.96 -3.49
C VAL A 158 10.66 -39.40 -2.73
N ASP A 159 10.51 -40.41 -1.88
CA ASP A 159 11.64 -40.97 -1.14
C ASP A 159 12.69 -41.52 -2.09
N ALA A 160 12.25 -42.25 -3.11
CA ALA A 160 13.15 -42.80 -4.11
C ALA A 160 13.96 -41.70 -4.77
N SER A 161 13.30 -40.58 -5.07
CA SER A 161 13.95 -39.41 -5.64
C SER A 161 15.04 -38.87 -4.72
N LEU A 162 14.68 -38.61 -3.47
CA LEU A 162 15.62 -38.02 -2.51
C LEU A 162 16.75 -38.99 -2.20
N LYS A 163 16.41 -40.26 -2.04
CA LYS A 163 17.40 -41.26 -1.68
C LYS A 163 18.34 -41.57 -2.84
N SER A 164 17.85 -41.44 -4.07
CA SER A 164 18.68 -41.68 -5.25
C SER A 164 19.70 -40.57 -5.44
N LEU A 165 19.32 -39.35 -5.05
CA LEU A 165 20.24 -38.22 -5.09
C LEU A 165 21.29 -38.37 -4.01
N VAL A 166 20.87 -38.81 -2.83
CA VAL A 166 21.78 -39.03 -1.72
C VAL A 166 22.86 -40.07 -2.05
N ALA A 167 22.49 -41.07 -2.84
CA ALA A 167 23.43 -42.12 -3.24
C ALA A 167 24.48 -41.63 -4.23
N GLU A 168 24.12 -40.63 -5.02
CA GLU A 168 25.00 -40.12 -6.08
C GLU A 168 25.81 -38.92 -5.62
N ASN A 169 25.51 -38.41 -4.42
CA ASN A 169 26.18 -37.22 -3.92
C ASN A 169 26.79 -37.43 -2.54
N HIS A 170 28.12 -37.40 -2.49
CA HIS A 170 28.83 -37.58 -1.23
C HIS A 170 28.65 -36.38 -0.32
N GLY A 171 28.39 -36.65 0.96
CA GLY A 171 28.13 -35.58 1.91
C GLY A 171 26.65 -35.38 2.17
N TRP A 172 25.80 -36.03 1.36
CA TRP A 172 24.35 -35.89 1.53
C TRP A 172 23.81 -37.04 2.37
N LYS A 173 22.80 -36.73 3.19
CA LYS A 173 22.11 -37.75 3.94
C LYS A 173 20.60 -37.54 3.85
N PHE A 174 19.86 -38.63 3.93
CA PHE A 174 18.41 -38.56 3.93
C PHE A 174 17.91 -38.73 5.35
N GLU A 175 16.82 -38.05 5.68
CA GLU A 175 16.15 -38.23 6.96
C GLU A 175 14.66 -38.04 6.76
N ALA A 176 13.87 -39.04 7.13
CA ALA A 176 12.43 -38.96 7.00
C ALA A 176 11.84 -38.25 8.20
N LYS A 177 10.95 -37.29 7.96
CA LYS A 177 10.29 -36.55 9.02
C LYS A 177 8.78 -36.71 8.94
N GLN A 178 8.07 -36.11 9.88
CA GLN A 178 6.61 -36.21 9.93
C GLN A 178 5.95 -35.63 8.67
N THR A 179 6.33 -34.41 8.32
CA THR A 179 5.72 -33.71 7.18
C THR A 179 6.52 -33.73 5.89
N CYS A 180 7.70 -34.34 5.89
CA CYS A 180 8.55 -34.25 4.71
C CYS A 180 9.72 -35.23 4.73
N GLY A 181 10.31 -35.44 3.55
CA GLY A 181 11.59 -36.10 3.44
C GLY A 181 12.63 -35.00 3.43
N ARG A 182 13.77 -35.24 4.07
CA ARG A 182 14.77 -34.19 4.20
C ARG A 182 16.12 -34.61 3.65
N ILE A 183 16.75 -33.73 2.87
CA ILE A 183 18.13 -33.95 2.45
C ILE A 183 19.04 -32.98 3.20
N LYS A 184 19.97 -33.54 3.98
CA LYS A 184 20.89 -32.71 4.75
C LYS A 184 22.28 -32.71 4.11
N ILE A 185 22.82 -31.51 3.91
CA ILE A 185 24.13 -31.35 3.32
C ILE A 185 25.01 -30.57 4.32
N GLU A 186 25.54 -31.31 5.29
CA GLU A 186 26.26 -30.71 6.42
C GLU A 186 27.43 -29.82 5.98
N ALA A 187 28.13 -30.24 4.92
CA ALA A 187 29.27 -29.49 4.42
C ALA A 187 28.87 -28.11 3.90
N GLU A 188 27.64 -27.99 3.43
CA GLU A 188 27.14 -26.72 2.92
C GLU A 188 26.19 -26.06 3.93
N LYS A 189 26.17 -26.58 5.15
CA LYS A 189 25.35 -26.01 6.22
C LYS A 189 23.90 -25.85 5.76
N THR A 190 23.40 -26.85 5.05
CA THR A 190 22.11 -26.76 4.39
C THR A 190 21.33 -28.06 4.51
N HIS A 191 20.04 -27.94 4.77
CA HIS A 191 19.13 -29.05 4.55
C HIS A 191 17.90 -28.53 3.82
N ILE A 192 17.34 -29.37 2.96
CA ILE A 192 16.16 -29.00 2.21
C ILE A 192 15.04 -30.01 2.44
N ASP A 193 13.91 -29.50 2.91
CA ASP A 193 12.76 -30.34 3.21
C ASP A 193 11.84 -30.39 1.99
N VAL A 194 11.39 -31.59 1.64
CA VAL A 194 10.47 -31.76 0.52
C VAL A 194 9.13 -32.31 1.00
N PRO A 195 8.24 -31.42 1.48
CA PRO A 195 6.89 -31.86 1.81
C PRO A 195 6.13 -32.19 0.52
N MET A 196 5.10 -33.02 0.62
CA MET A 196 4.33 -33.39 -0.57
C MET A 196 2.86 -33.01 -0.38
N TYR A 197 2.33 -32.25 -1.32
CA TYR A 197 0.97 -31.77 -1.24
C TYR A 197 0.13 -32.35 -2.37
N ALA A 198 -1.15 -32.55 -2.11
CA ALA A 198 -2.08 -32.89 -3.17
C ALA A 198 -2.89 -31.64 -3.47
N ILE A 199 -2.99 -31.30 -4.76
CA ILE A 199 -3.83 -30.18 -5.17
C ILE A 199 -4.77 -30.58 -6.29
N PRO A 200 -5.86 -29.83 -6.46
CA PRO A 200 -6.84 -29.98 -7.54
C PRO A 200 -6.20 -29.86 -8.93
N LYS A 201 -6.62 -30.71 -9.85
CA LYS A 201 -6.05 -30.77 -11.20
C LYS A 201 -6.29 -29.47 -11.95
N ASP A 202 -7.49 -28.93 -11.79
CA ASP A 202 -7.80 -27.64 -12.37
C ASP A 202 -7.83 -26.61 -11.26
N GLU A 203 -6.72 -25.90 -11.08
CA GLU A 203 -6.67 -24.74 -10.19
C GLU A 203 -7.48 -24.93 -8.90
N LEU A 204 -8.46 -24.06 -8.71
CA LEU A 204 -9.44 -24.24 -7.64
C LEU A 204 -8.73 -24.18 -6.30
N ASP A 205 -7.73 -23.32 -6.21
CA ASP A 205 -6.88 -23.32 -5.05
C ASP A 205 -7.37 -22.30 -4.03
N SER A 206 -8.06 -22.81 -3.01
CA SER A 206 -8.30 -22.10 -1.76
C SER A 206 -8.05 -23.11 -0.65
N GLU A 207 -8.99 -24.05 -0.57
CA GLU A 207 -8.87 -25.22 0.25
C GLU A 207 -8.40 -26.32 -0.69
N ASN A 208 -8.40 -27.56 -0.20
CA ASN A 208 -7.99 -28.69 -1.02
C ASN A 208 -6.53 -28.60 -1.44
N VAL A 209 -5.74 -27.87 -0.65
CA VAL A 209 -4.30 -28.08 -0.62
C VAL A 209 -4.08 -29.04 0.55
N ASN A 210 -3.69 -30.27 0.24
CA ASN A 210 -3.56 -31.28 1.28
C ASN A 210 -2.11 -31.73 1.44
N LEU A 211 -1.56 -31.52 2.63
CA LEU A 211 -0.22 -31.96 2.98
C LEU A 211 -0.25 -33.44 3.32
N ALA A 212 0.71 -34.19 2.78
CA ALA A 212 0.82 -35.62 3.09
C ALA A 212 1.64 -35.84 4.37
N LEU A 213 1.03 -36.47 5.36
CA LEU A 213 1.71 -36.80 6.61
C LEU A 213 2.26 -38.22 6.56
N ARG A 214 3.51 -38.38 6.96
CA ARG A 214 4.21 -39.66 6.84
C ARG A 214 3.92 -40.68 7.95
N GLU A 215 3.58 -40.19 9.14
CA GLU A 215 3.28 -41.06 10.28
C GLU A 215 1.93 -40.72 10.90
N GLY A 216 1.23 -41.72 11.43
CA GLY A 216 -0.02 -41.49 12.12
C GLY A 216 -1.29 -41.87 11.36
N ASP A 217 -2.43 -41.62 12.00
CA ASP A 217 -3.75 -42.00 11.45
C ASP A 217 -4.19 -41.14 10.26
N ARG A 218 -4.09 -39.81 10.39
CA ARG A 218 -4.37 -38.92 9.28
C ARG A 218 -3.26 -39.02 8.25
N LYS A 219 -3.62 -39.35 7.01
CA LYS A 219 -2.65 -39.41 5.93
C LYS A 219 -2.53 -38.05 5.27
N TRP A 220 -3.63 -37.32 5.20
CA TRP A 220 -3.65 -35.97 4.63
C TRP A 220 -4.21 -34.95 5.63
N ILE A 221 -3.69 -33.73 5.59
CA ILE A 221 -4.27 -32.62 6.34
C ILE A 221 -4.32 -31.38 5.47
N ASN A 222 -5.34 -30.55 5.67
CA ASN A 222 -5.41 -29.27 4.97
C ASN A 222 -4.36 -28.32 5.53
N SER A 223 -3.42 -27.94 4.67
CA SER A 223 -2.37 -26.99 5.04
C SER A 223 -1.88 -26.33 3.77
N ASP A 224 -2.28 -25.07 3.57
CA ASP A 224 -1.91 -24.30 2.40
C ASP A 224 -0.82 -23.31 2.77
N PRO A 225 0.41 -23.57 2.33
CA PRO A 225 1.52 -22.66 2.61
C PRO A 225 1.30 -21.27 2.02
N LYS A 226 0.44 -21.18 1.01
CA LYS A 226 0.15 -19.90 0.36
C LYS A 226 -0.51 -18.91 1.33
N ILE A 227 -1.22 -19.44 2.32
CA ILE A 227 -1.93 -18.59 3.29
C ILE A 227 -0.94 -17.72 4.07
N VAL A 228 0.08 -18.35 4.67
CA VAL A 228 1.10 -17.61 5.40
C VAL A 228 1.94 -16.74 4.46
N GLU A 229 2.25 -17.26 3.28
CA GLU A 229 3.00 -16.50 2.28
C GLU A 229 2.29 -15.20 1.87
N ASP A 230 1.00 -15.30 1.56
CA ASP A 230 0.19 -14.12 1.20
C ASP A 230 0.11 -13.13 2.36
N TRP A 231 -0.19 -13.66 3.55
CA TRP A 231 -0.23 -12.87 4.78
C TRP A 231 1.01 -12.01 4.92
N PHE A 232 2.18 -12.64 4.81
CA PHE A 232 3.44 -11.94 5.04
C PHE A 232 3.74 -10.96 3.91
N ASN A 233 3.58 -11.38 2.66
CA ASN A 233 3.81 -10.48 1.53
C ASN A 233 2.94 -9.23 1.61
N ASP A 234 1.67 -9.41 1.99
CA ASP A 234 0.76 -8.28 2.15
C ASP A 234 1.21 -7.39 3.31
N SER A 235 1.67 -8.01 4.40
CA SER A 235 2.17 -7.28 5.55
C SER A 235 3.34 -6.37 5.18
N CYS A 236 4.26 -6.88 4.37
CA CYS A 236 5.41 -6.09 3.92
C CYS A 236 4.96 -4.89 3.10
N ILE A 237 3.90 -5.06 2.33
CA ILE A 237 3.33 -4.00 1.50
C ILE A 237 2.63 -2.96 2.39
N ARG A 238 1.87 -3.44 3.36
CA ARG A 238 1.14 -2.59 4.28
C ARG A 238 2.08 -1.79 5.19
N ILE A 239 3.06 -2.47 5.77
CA ILE A 239 3.95 -1.85 6.76
C ILE A 239 5.14 -1.11 6.15
N GLY A 240 5.81 -1.74 5.18
CA GLY A 240 6.96 -1.12 4.54
C GLY A 240 8.14 -2.06 4.39
N LYS A 241 9.21 -1.57 3.75
CA LYS A 241 10.37 -2.40 3.44
C LYS A 241 11.18 -2.79 4.67
N HIS A 242 10.89 -2.18 5.81
CA HIS A 242 11.65 -2.46 7.02
C HIS A 242 11.16 -3.71 7.75
N LEU A 243 9.98 -4.21 7.36
CA LEU A 243 9.42 -5.39 7.99
C LEU A 243 10.33 -6.61 7.85
N ARG A 244 10.79 -6.86 6.61
CA ARG A 244 11.70 -7.97 6.36
C ARG A 244 13.02 -7.80 7.11
N LYS A 245 13.48 -6.56 7.25
CA LYS A 245 14.73 -6.28 7.94
C LYS A 245 14.62 -6.64 9.42
N VAL A 246 13.57 -6.16 10.07
CA VAL A 246 13.39 -6.41 11.51
C VAL A 246 13.11 -7.89 11.79
N CYS A 247 12.51 -8.58 10.82
CA CYS A 247 12.28 -10.01 10.95
C CYS A 247 13.61 -10.76 10.87
N ARG A 248 14.47 -10.31 9.96
CA ARG A 248 15.82 -10.86 9.86
C ARG A 248 16.57 -10.68 11.18
N PHE A 249 16.43 -9.49 11.77
CA PHE A 249 17.12 -9.15 13.01
C PHE A 249 16.66 -10.01 14.17
N MET A 250 15.35 -10.24 14.26
CA MET A 250 14.81 -11.07 15.34
C MET A 250 15.22 -12.53 15.15
N LYS A 251 15.20 -12.99 13.90
CA LYS A 251 15.66 -14.33 13.57
C LYS A 251 17.15 -14.48 13.89
N ALA A 252 17.93 -13.43 13.64
CA ALA A 252 19.35 -13.44 13.98
C ALA A 252 19.54 -13.44 15.49
N TRP A 253 18.76 -12.62 16.19
CA TRP A 253 18.79 -12.61 17.65
C TRP A 253 18.53 -14.01 18.19
N ARG A 254 17.54 -14.69 17.60
CA ARG A 254 17.18 -16.04 18.01
C ARG A 254 18.35 -17.01 17.78
N ASP A 255 18.99 -16.91 16.62
CA ASP A 255 20.13 -17.76 16.30
C ASP A 255 21.28 -17.53 17.28
N ALA A 256 21.38 -16.32 17.80
CA ALA A 256 22.48 -15.98 18.70
C ALA A 256 22.20 -16.43 20.13
N GLN A 257 20.93 -16.35 20.55
CA GLN A 257 20.57 -16.70 21.93
C GLN A 257 20.50 -18.21 22.15
N TRP A 258 20.16 -18.96 21.11
CA TRP A 258 20.06 -20.41 21.24
C TRP A 258 20.85 -21.14 20.16
N ASP A 259 21.77 -22.00 20.58
CA ASP A 259 22.48 -22.87 19.65
C ASP A 259 21.45 -23.76 18.98
N VAL A 260 20.69 -24.47 19.80
CA VAL A 260 19.54 -25.24 19.34
C VAL A 260 18.32 -24.77 20.13
N GLY A 261 17.19 -24.55 19.45
CA GLY A 261 15.99 -24.11 20.13
C GLY A 261 15.66 -22.63 19.95
N GLY A 262 14.77 -22.13 20.80
CA GLY A 262 14.29 -20.76 20.68
C GLY A 262 12.97 -20.75 19.91
N PRO A 263 12.29 -19.60 19.90
CA PRO A 263 10.99 -19.53 19.20
C PRO A 263 11.13 -19.72 17.70
N SER A 264 10.07 -20.17 17.04
CA SER A 264 10.12 -20.35 15.60
C SER A 264 10.22 -19.00 14.92
N SER A 265 10.78 -18.98 13.71
CA SER A 265 10.90 -17.73 12.96
C SER A 265 9.53 -17.17 12.65
N ILE A 266 8.57 -18.05 12.39
CA ILE A 266 7.22 -17.61 12.03
C ILE A 266 6.52 -16.95 13.22
N SER A 267 6.78 -17.45 14.43
CA SER A 267 6.19 -16.83 15.62
C SER A 267 6.73 -15.42 15.81
N LEU A 268 8.02 -15.25 15.52
CA LEU A 268 8.67 -13.95 15.60
C LEU A 268 8.13 -13.00 14.52
N MET A 269 7.83 -13.54 13.35
CA MET A 269 7.25 -12.76 12.27
C MET A 269 5.83 -12.31 12.61
N ALA A 270 5.03 -13.24 13.11
CA ALA A 270 3.65 -12.94 13.48
C ALA A 270 3.59 -11.87 14.59
N ALA A 271 4.42 -12.03 15.60
CA ALA A 271 4.46 -11.06 16.71
C ALA A 271 4.94 -9.69 16.24
N THR A 272 5.99 -9.68 15.43
CA THR A 272 6.55 -8.44 14.90
C THR A 272 5.53 -7.68 14.03
N VAL A 273 4.78 -8.42 13.22
CA VAL A 273 3.76 -7.81 12.38
C VAL A 273 2.66 -7.18 13.23
N ASN A 274 2.24 -7.90 14.27
CA ASN A 274 1.21 -7.42 15.19
C ASN A 274 1.61 -6.10 15.87
N ILE A 275 2.88 -6.01 16.25
CA ILE A 275 3.41 -4.84 16.93
C ILE A 275 3.52 -3.62 16.00
N LEU A 276 4.05 -3.84 14.81
CA LEU A 276 4.22 -2.76 13.85
C LEU A 276 2.87 -2.26 13.27
N ASP A 277 1.85 -3.11 13.29
CA ASP A 277 0.51 -2.72 12.87
C ASP A 277 -0.20 -1.89 13.94
N SER A 278 0.20 -2.08 15.20
CA SER A 278 -0.53 -1.52 16.34
C SER A 278 0.22 -0.44 17.10
N VAL A 279 1.48 -0.20 16.75
CA VAL A 279 2.30 0.74 17.50
C VAL A 279 3.06 1.71 16.60
N ALA A 280 2.94 3.00 16.88
CA ALA A 280 3.65 4.03 16.13
C ALA A 280 5.17 3.81 16.21
N HIS A 281 5.84 3.87 15.07
CA HIS A 281 7.29 3.76 15.02
C HIS A 281 7.81 4.54 13.82
N ASP A 282 9.10 4.86 13.83
CA ASP A 282 9.73 5.54 12.71
C ASP A 282 10.52 4.54 11.88
N ALA A 283 10.04 4.26 10.67
CA ALA A 283 10.67 3.27 9.80
C ALA A 283 12.01 3.76 9.26
N SER A 284 12.31 5.05 9.48
CA SER A 284 13.56 5.63 9.00
C SER A 284 14.70 5.40 10.00
N ASP A 285 14.36 4.97 11.21
CA ASP A 285 15.35 4.60 12.21
C ASP A 285 15.05 3.19 12.73
N LEU A 286 15.75 2.20 12.21
CA LEU A 286 15.52 0.81 12.62
C LEU A 286 15.99 0.57 14.05
N GLY A 287 16.86 1.44 14.55
CA GLY A 287 17.29 1.37 15.94
C GLY A 287 16.15 1.69 16.89
N GLU A 288 15.42 2.76 16.58
CA GLU A 288 14.23 3.13 17.35
C GLU A 288 13.15 2.07 17.16
N THR A 289 13.02 1.60 15.93
CA THR A 289 12.03 0.59 15.59
C THR A 289 12.26 -0.75 16.30
N MET A 290 13.53 -1.12 16.45
CA MET A 290 13.86 -2.38 17.13
C MET A 290 13.60 -2.28 18.63
N LYS A 291 13.79 -1.09 19.19
CA LYS A 291 13.53 -0.87 20.61
C LYS A 291 12.02 -0.97 20.87
N ILE A 292 11.22 -0.48 19.92
CA ILE A 292 9.77 -0.59 20.04
C ILE A 292 9.32 -2.05 19.96
N ILE A 293 9.89 -2.78 19.00
CA ILE A 293 9.61 -4.22 18.87
C ILE A 293 10.02 -4.96 20.15
N ALA A 294 11.23 -4.69 20.64
CA ALA A 294 11.75 -5.34 21.84
C ALA A 294 10.86 -5.10 23.06
N LYS A 295 10.36 -3.86 23.17
CA LYS A 295 9.47 -3.47 24.27
C LYS A 295 8.19 -4.29 24.30
N HIS A 296 7.64 -4.60 23.12
CA HIS A 296 6.32 -5.24 23.07
C HIS A 296 6.31 -6.75 22.85
N LEU A 297 7.45 -7.33 22.45
CA LEU A 297 7.50 -8.78 22.21
C LEU A 297 7.10 -9.64 23.41
N PRO A 298 7.58 -9.31 24.62
CA PRO A 298 7.23 -10.13 25.78
C PRO A 298 5.72 -10.29 25.96
N SER A 299 4.96 -9.21 25.76
CA SER A 299 3.51 -9.27 25.89
C SER A 299 2.89 -10.12 24.79
N GLU A 300 3.42 -10.02 23.57
CA GLU A 300 2.93 -10.81 22.44
C GLU A 300 3.12 -12.30 22.70
N PHE A 301 4.27 -12.66 23.25
CA PHE A 301 4.60 -14.07 23.48
C PHE A 301 3.94 -14.63 24.74
N ALA A 302 3.80 -13.81 25.77
CA ALA A 302 3.14 -14.23 27.00
C ALA A 302 1.70 -14.68 26.74
N ARG A 303 1.02 -13.98 25.83
CA ARG A 303 -0.37 -14.28 25.50
C ARG A 303 -0.49 -15.54 24.64
N GLY A 304 0.63 -15.96 24.07
CA GLY A 304 0.66 -17.00 23.06
C GLY A 304 0.60 -16.27 21.73
N VAL A 305 1.26 -16.82 20.71
CA VAL A 305 1.30 -16.15 19.41
C VAL A 305 0.42 -16.90 18.44
N GLU A 306 -0.67 -16.26 18.03
CA GLU A 306 -1.65 -16.86 17.14
C GLU A 306 -1.12 -16.92 15.71
N SER A 307 -1.38 -18.01 15.01
CA SER A 307 -1.00 -18.10 13.61
C SER A 307 -1.89 -17.21 12.76
N PRO A 308 -1.29 -16.53 11.76
CA PRO A 308 -1.97 -15.69 10.78
C PRO A 308 -2.94 -16.51 9.94
N ASP A 309 -2.80 -17.83 9.97
CA ASP A 309 -3.77 -18.72 9.34
C ASP A 309 -4.82 -19.06 10.41
N SER A 310 -6.03 -18.56 10.20
CA SER A 310 -7.10 -18.67 11.18
C SER A 310 -7.60 -20.10 11.31
N THR A 311 -7.29 -20.92 10.31
CA THR A 311 -7.69 -22.32 10.31
C THR A 311 -6.69 -23.20 11.06
N ASP A 312 -5.60 -22.61 11.53
CA ASP A 312 -4.66 -23.31 12.39
C ASP A 312 -4.95 -22.97 13.85
N GLU A 313 -5.43 -23.96 14.59
CA GLU A 313 -5.84 -23.75 15.97
C GLU A 313 -4.65 -23.75 16.92
N LYS A 314 -3.53 -24.32 16.47
CA LYS A 314 -2.33 -24.42 17.28
C LYS A 314 -1.50 -23.13 17.22
N PRO A 315 -1.24 -22.52 18.40
CA PRO A 315 -0.46 -21.29 18.50
C PRO A 315 0.96 -21.47 17.96
N LEU A 316 1.57 -20.41 17.45
CA LEU A 316 2.95 -20.49 16.98
C LEU A 316 3.91 -20.56 18.16
N PHE A 317 3.48 -19.96 19.26
CA PHE A 317 4.18 -20.06 20.53
C PHE A 317 3.12 -20.16 21.60
N PRO A 318 3.34 -21.02 22.62
CA PRO A 318 2.31 -21.28 23.63
C PRO A 318 2.05 -20.09 24.55
N PRO A 319 0.81 -19.97 25.07
CA PRO A 319 0.51 -18.95 26.08
C PRO A 319 1.14 -19.30 27.43
N SER A 320 1.34 -18.31 28.29
CA SER A 320 2.10 -18.47 29.53
C SER A 320 1.75 -19.68 30.39
N TYR A 321 0.46 -20.02 30.46
CA TYR A 321 0.01 -21.12 31.31
C TYR A 321 0.44 -22.50 30.82
N LYS A 322 0.92 -22.57 29.58
CA LYS A 322 1.41 -23.84 29.01
C LYS A 322 2.94 -23.85 28.94
N HIS A 323 3.58 -22.96 29.68
CA HIS A 323 5.04 -22.83 29.59
C HIS A 323 5.79 -23.86 30.42
N GLY A 324 6.78 -24.48 29.78
CA GLY A 324 7.76 -25.31 30.46
C GLY A 324 9.07 -24.55 30.51
N PRO A 325 10.16 -25.23 30.91
CA PRO A 325 11.46 -24.59 31.08
C PRO A 325 11.94 -23.89 29.80
N ARG A 326 11.63 -24.47 28.65
CA ARG A 326 12.04 -23.88 27.38
C ARG A 326 11.31 -22.57 27.06
N GLU A 327 9.99 -22.56 27.26
CA GLU A 327 9.24 -21.33 27.02
C GLU A 327 9.59 -20.27 28.06
N MET A 328 9.81 -20.69 29.30
CA MET A 328 10.25 -19.77 30.34
C MET A 328 11.61 -19.15 29.97
N ASP A 329 12.48 -19.97 29.38
CA ASP A 329 13.79 -19.48 28.94
C ASP A 329 13.62 -18.43 27.86
N ILE A 330 12.75 -18.72 26.90
CA ILE A 330 12.45 -17.80 25.82
C ILE A 330 11.86 -16.48 26.35
N MET A 331 10.92 -16.56 27.28
CA MET A 331 10.32 -15.36 27.87
C MET A 331 11.40 -14.51 28.54
N SER A 332 12.35 -15.19 29.18
CA SER A 332 13.43 -14.54 29.89
C SER A 332 14.33 -13.73 28.95
N LYS A 333 14.70 -14.31 27.82
CA LYS A 333 15.57 -13.62 26.87
C LYS A 333 14.83 -12.47 26.18
N LEU A 334 13.54 -12.66 25.90
CA LEU A 334 12.72 -11.61 25.31
C LEU A 334 12.68 -10.38 26.21
N GLU A 335 12.60 -10.61 27.52
CA GLU A 335 12.59 -9.51 28.49
C GLU A 335 13.94 -8.80 28.59
N ARG A 336 15.02 -9.55 28.40
CA ARG A 336 16.37 -8.98 28.42
C ARG A 336 16.65 -8.10 27.20
N LEU A 337 15.99 -8.41 26.08
CA LEU A 337 16.27 -7.75 24.79
C LEU A 337 16.16 -6.22 24.83
N PRO A 338 15.02 -5.69 25.30
CA PRO A 338 14.88 -4.23 25.35
C PRO A 338 15.86 -3.57 26.31
N GLU A 339 16.28 -4.30 27.34
CA GLU A 339 17.28 -3.77 28.28
C GLU A 339 18.67 -3.76 27.63
N ILE A 340 18.96 -4.77 26.83
CA ILE A 340 20.22 -4.81 26.10
C ILE A 340 20.31 -3.64 25.13
N LEU A 341 19.21 -3.36 24.43
CA LEU A 341 19.20 -2.28 23.43
C LEU A 341 19.35 -0.91 24.07
N SER A 342 18.77 -0.72 25.25
CA SER A 342 18.87 0.56 25.94
C SER A 342 20.26 0.73 26.58
N SER A 343 20.84 -0.37 27.06
CA SER A 343 22.19 -0.35 27.61
C SER A 343 23.23 0.00 26.55
N ALA A 344 23.10 -0.60 25.38
CA ALA A 344 23.98 -0.27 24.26
C ALA A 344 23.87 1.22 23.92
N GLU A 345 22.64 1.72 24.00
CA GLU A 345 22.32 3.09 23.64
C GLU A 345 23.00 4.11 24.56
N SER A 346 23.25 3.71 25.81
CA SER A 346 23.81 4.61 26.80
C SER A 346 25.22 4.21 27.22
N ALA A 347 25.86 3.35 26.45
CA ALA A 347 27.21 2.87 26.76
C ALA A 347 28.21 4.02 26.74
N ASP A 348 29.35 3.81 27.41
CA ASP A 348 30.38 4.85 27.55
C ASP A 348 31.08 5.22 26.24
N SER A 349 31.13 4.28 25.31
CA SER A 349 31.92 4.45 24.09
C SER A 349 31.30 3.69 22.92
N LYS A 350 31.78 3.96 21.71
CA LYS A 350 31.39 3.19 20.53
C LYS A 350 31.73 1.72 20.72
N SER A 351 32.93 1.47 21.21
CA SER A 351 33.43 0.11 21.43
C SER A 351 32.52 -0.70 22.37
N GLU A 352 32.04 -0.05 23.42
CA GLU A 352 31.20 -0.72 24.41
C GLU A 352 29.78 -0.88 23.89
N ALA A 353 29.32 0.13 23.15
CA ALA A 353 27.98 0.10 22.57
C ALA A 353 27.86 -1.08 21.61
N LEU A 354 28.89 -1.28 20.80
CA LEU A 354 28.89 -2.42 19.88
C LEU A 354 28.86 -3.74 20.63
N LYS A 355 29.69 -3.85 21.66
CA LYS A 355 29.78 -5.09 22.43
C LYS A 355 28.44 -5.42 23.09
N LYS A 356 27.75 -4.40 23.57
CA LYS A 356 26.48 -4.61 24.26
C LYS A 356 25.37 -5.01 23.29
N ILE A 357 25.29 -4.35 22.14
CA ILE A 357 24.25 -4.69 21.18
C ILE A 357 24.52 -6.07 20.57
N ASN A 358 25.80 -6.44 20.48
CA ASN A 358 26.18 -7.76 19.99
C ASN A 358 25.85 -8.88 20.97
N MET A 359 25.44 -8.54 22.18
CA MET A 359 24.99 -9.55 23.13
C MET A 359 23.57 -9.98 22.77
N ALA A 360 22.91 -9.18 21.94
CA ALA A 360 21.59 -9.53 21.41
C ALA A 360 21.71 -10.30 20.10
N PHE A 361 22.51 -9.76 19.18
CA PHE A 361 22.56 -10.30 17.82
C PHE A 361 23.79 -11.16 17.51
N GLY A 362 24.65 -11.36 18.51
CA GLY A 362 25.86 -12.13 18.36
C GLY A 362 27.02 -11.27 17.89
N ASN A 363 28.25 -11.80 17.94
CA ASN A 363 29.37 -10.99 17.45
C ASN A 363 29.56 -11.28 15.97
N ARG A 364 29.08 -10.33 15.17
CA ARG A 364 29.15 -10.43 13.72
C ARG A 364 29.65 -9.10 13.18
N VAL A 365 28.84 -8.06 13.38
CA VAL A 365 29.25 -6.71 13.03
C VAL A 365 30.49 -6.37 13.85
N THR A 366 31.58 -6.04 13.15
CA THR A 366 32.80 -5.58 13.80
C THR A 366 33.03 -4.06 13.71
N ASN A 367 32.17 -3.36 13.01
CA ASN A 367 32.42 -1.95 12.69
C ASN A 367 31.67 -0.96 13.57
N SER A 368 32.33 -0.50 14.63
CA SER A 368 31.74 0.44 15.57
C SER A 368 31.36 1.78 14.92
N GLU A 369 32.05 2.15 13.86
CA GLU A 369 31.79 3.41 13.18
C GLU A 369 30.39 3.49 12.58
N LEU A 370 29.68 2.36 12.60
CA LEU A 370 28.28 2.33 12.15
C LEU A 370 27.41 2.92 13.26
N ILE A 371 27.94 2.93 14.48
CA ILE A 371 27.26 3.50 15.62
C ILE A 371 27.63 4.97 15.75
N VAL A 372 26.62 5.84 15.80
CA VAL A 372 26.88 7.27 15.73
C VAL A 372 26.21 8.03 16.88
N LEU A 373 26.87 9.09 17.34
CA LEU A 373 26.32 9.97 18.35
C LEU A 373 24.97 10.53 17.92
N ALA A 374 23.99 10.46 18.81
CA ALA A 374 22.61 10.84 18.49
C ALA A 374 22.47 12.29 18.04
N LYS A 375 21.55 12.53 17.11
CA LYS A 375 21.19 13.90 16.72
C LYS A 375 20.02 14.39 17.55
N MET B 3 15.19 -5.61 -18.27
CA MET B 3 14.56 -6.41 -17.24
C MET B 3 13.08 -6.10 -17.09
N THR B 4 12.48 -6.61 -16.01
CA THR B 4 11.12 -6.22 -15.66
C THR B 4 11.05 -5.78 -14.20
N TRP B 5 10.83 -4.49 -13.97
CA TRP B 5 10.72 -3.97 -12.61
C TRP B 5 9.26 -3.76 -12.23
N ASN B 6 8.94 -4.00 -10.97
CA ASN B 6 7.61 -3.74 -10.43
C ASN B 6 7.65 -2.48 -9.60
N PHE B 7 6.64 -1.62 -9.78
CA PHE B 7 6.64 -0.31 -9.12
C PHE B 7 5.53 -0.15 -8.07
N HIS B 8 4.83 -1.23 -7.75
CA HIS B 8 3.69 -1.14 -6.84
C HIS B 8 4.02 -0.46 -5.50
N GLN B 9 5.19 -0.76 -4.95
CA GLN B 9 5.62 -0.14 -3.71
C GLN B 9 6.23 1.24 -3.92
N TYR B 10 6.78 1.47 -5.11
CA TYR B 10 7.21 2.81 -5.49
C TYR B 10 6.02 3.76 -5.35
N TYR B 11 4.86 3.29 -5.81
CA TYR B 11 3.64 4.10 -5.81
C TYR B 11 2.98 4.16 -4.45
N THR B 12 2.76 3.00 -3.82
CA THR B 12 1.89 2.92 -2.66
C THR B 12 2.55 3.07 -1.29
N ASN B 13 3.88 2.91 -1.21
CA ASN B 13 4.56 3.02 0.08
C ASN B 13 4.25 4.36 0.76
N ARG B 14 3.71 4.28 1.97
CA ARG B 14 3.21 5.48 2.64
C ARG B 14 4.29 6.23 3.41
N ASN B 15 5.52 5.73 3.37
CA ASN B 15 6.63 6.41 4.02
C ASN B 15 7.60 7.02 3.00
N ASP B 16 8.31 6.17 2.27
CA ASP B 16 9.24 6.62 1.24
C ASP B 16 8.63 6.67 -0.16
N GLY B 17 7.44 6.08 -0.32
CA GLY B 17 6.81 5.97 -1.62
C GLY B 17 6.14 7.26 -2.08
N LEU B 18 5.50 7.22 -3.25
CA LEU B 18 4.87 8.42 -3.80
C LEU B 18 3.71 8.88 -2.90
N MET B 19 2.87 7.95 -2.48
CA MET B 19 1.79 8.25 -1.52
C MET B 19 2.34 8.94 -0.28
N GLY B 20 3.50 8.49 0.18
CA GLY B 20 4.14 9.09 1.34
C GLY B 20 4.62 10.50 1.09
N LYS B 21 4.95 10.81 -0.16
CA LYS B 21 5.42 12.16 -0.51
C LYS B 21 4.26 13.10 -0.85
N LEU B 22 3.11 12.53 -1.19
CA LEU B 22 1.98 13.33 -1.65
C LEU B 22 0.97 13.64 -0.55
N VAL B 23 0.72 12.68 0.32
CA VAL B 23 -0.29 12.84 1.37
C VAL B 23 0.16 13.84 2.42
N LEU B 24 -0.73 14.79 2.75
CA LEU B 24 -0.44 15.76 3.80
C LEU B 24 -0.37 15.08 5.17
N THR B 25 0.48 15.61 6.04
CA THR B 25 0.55 15.15 7.42
C THR B 25 -0.75 15.52 8.15
N ASP B 26 -1.11 14.72 9.16
CA ASP B 26 -2.30 14.99 9.98
C ASP B 26 -2.28 16.42 10.53
N GLU B 27 -1.10 16.91 10.88
CA GLU B 27 -0.94 18.27 11.35
C GLU B 27 -1.17 19.28 10.22
N GLU B 28 -0.56 19.02 9.06
CA GLU B 28 -0.71 19.91 7.91
C GLU B 28 -2.17 20.09 7.53
N LYS B 29 -2.92 18.98 7.58
CA LYS B 29 -4.35 19.00 7.31
C LYS B 29 -5.09 19.86 8.33
N ASN B 30 -4.74 19.70 9.60
CA ASN B 30 -5.39 20.45 10.67
C ASN B 30 -5.19 21.96 10.51
N ASN B 31 -4.03 22.36 10.01
CA ASN B 31 -3.75 23.78 9.78
C ASN B 31 -4.63 24.37 8.67
N LEU B 32 -4.91 23.56 7.65
CA LEU B 32 -5.84 23.96 6.60
C LEU B 32 -7.25 24.05 7.16
N LYS B 33 -7.64 23.07 7.97
CA LYS B 33 -8.95 23.07 8.62
C LYS B 33 -9.11 24.29 9.52
N ALA B 34 -8.03 24.71 10.16
CA ALA B 34 -8.06 25.87 11.03
C ALA B 34 -8.17 27.17 10.23
N LEU B 35 -7.43 27.25 9.12
CA LEU B 35 -7.51 28.39 8.22
C LEU B 35 -8.92 28.53 7.67
N ARG B 36 -9.54 27.41 7.35
CA ARG B 36 -10.89 27.39 6.80
C ARG B 36 -11.90 27.92 7.84
N LYS B 37 -11.73 27.50 9.09
CA LYS B 37 -12.64 27.89 10.16
C LYS B 37 -12.54 29.38 10.48
N ILE B 38 -11.32 29.92 10.41
CA ILE B 38 -11.08 31.34 10.66
C ILE B 38 -11.88 32.19 9.68
N ILE B 39 -11.95 31.73 8.43
CA ILE B 39 -12.65 32.44 7.38
C ILE B 39 -14.16 32.31 7.50
N ARG B 40 -14.64 31.10 7.80
CA ARG B 40 -16.07 30.88 8.01
C ARG B 40 -16.60 31.72 9.17
N LEU B 41 -15.83 31.80 10.25
CA LEU B 41 -16.25 32.57 11.42
C LEU B 41 -16.31 34.05 11.10
N ARG B 42 -15.30 34.56 10.40
CA ARG B 42 -15.28 35.97 10.05
C ARG B 42 -16.44 36.33 9.11
N THR B 43 -16.78 35.45 8.19
CA THR B 43 -17.90 35.68 7.29
C THR B 43 -19.22 35.69 8.06
N ARG B 44 -19.36 34.79 9.03
CA ARG B 44 -20.54 34.79 9.89
C ARG B 44 -20.62 36.09 10.67
N ASP B 45 -19.47 36.53 11.20
CA ASP B 45 -19.42 37.73 12.02
C ASP B 45 -19.77 38.99 11.24
N VAL B 46 -19.31 39.07 10.00
CA VAL B 46 -19.56 40.25 9.16
C VAL B 46 -21.04 40.36 8.80
N PHE B 47 -21.66 39.23 8.51
CA PHE B 47 -23.08 39.21 8.19
C PHE B 47 -23.92 39.65 9.38
N GLU B 48 -23.51 39.27 10.58
CA GLU B 48 -24.22 39.70 11.79
C GLU B 48 -24.06 41.19 12.04
N GLU B 49 -22.88 41.73 11.74
CA GLU B 49 -22.63 43.16 11.90
C GLU B 49 -23.54 43.94 10.95
N ALA B 50 -23.62 43.45 9.71
CA ALA B 50 -24.47 44.07 8.69
C ALA B 50 -25.94 43.96 9.08
N LYS B 51 -26.36 42.77 9.50
CA LYS B 51 -27.73 42.55 9.91
C LYS B 51 -28.09 43.41 11.12
N GLY B 52 -27.10 43.67 11.98
CA GLY B 52 -27.30 44.55 13.12
C GLY B 52 -27.74 45.93 12.65
N ILE B 53 -27.13 46.40 11.57
CA ILE B 53 -27.48 47.70 11.00
C ILE B 53 -28.86 47.66 10.34
N ALA B 54 -29.14 46.57 9.62
CA ALA B 54 -30.44 46.38 8.99
C ALA B 54 -31.58 46.38 10.00
N LYS B 55 -31.32 45.80 11.17
CA LYS B 55 -32.32 45.71 12.22
C LYS B 55 -32.64 47.08 12.80
N ALA B 56 -31.62 47.93 12.89
CA ALA B 56 -31.81 49.30 13.39
C ALA B 56 -32.66 50.10 12.41
N VAL B 57 -32.46 49.84 11.12
CA VAL B 57 -33.20 50.55 10.07
C VAL B 57 -34.66 50.09 10.05
N LYS B 58 -34.89 48.82 10.39
CA LYS B 58 -36.25 48.27 10.51
C LYS B 58 -37.01 48.98 11.63
N LYS B 59 -36.32 49.22 12.75
CA LYS B 59 -36.91 49.90 13.90
C LYS B 59 -37.21 51.38 13.61
N SER B 60 -36.46 51.95 12.68
CA SER B 60 -36.58 53.36 12.35
C SER B 60 -35.80 53.60 11.07
N ALA B 61 -36.36 54.35 10.12
CA ALA B 61 -35.66 54.42 8.85
C ALA B 61 -34.65 55.53 8.97
N LEU B 62 -33.40 55.12 9.13
CA LEU B 62 -32.31 56.01 9.48
C LEU B 62 -31.80 56.73 8.25
N THR B 63 -31.26 57.92 8.43
CA THR B 63 -30.66 58.65 7.33
C THR B 63 -29.46 57.88 6.78
N PHE B 64 -29.08 58.17 5.54
CA PHE B 64 -27.92 57.54 4.93
C PHE B 64 -26.63 57.88 5.68
N GLU B 65 -26.58 59.09 6.23
CA GLU B 65 -25.41 59.53 6.98
C GLU B 65 -25.20 58.67 8.22
N ILE B 66 -26.30 58.33 8.89
CA ILE B 66 -26.25 57.50 10.09
C ILE B 66 -25.89 56.06 9.75
N ILE B 67 -26.50 55.53 8.70
CA ILE B 67 -26.19 54.18 8.25
C ILE B 67 -24.71 54.07 7.90
N GLN B 68 -24.22 55.05 7.14
CA GLN B 68 -22.82 55.08 6.74
C GLN B 68 -21.87 55.05 7.94
N GLU B 69 -22.18 55.84 8.97
CA GLU B 69 -21.39 55.87 10.20
C GLU B 69 -21.38 54.51 10.90
N LYS B 70 -22.53 53.84 10.91
CA LYS B 70 -22.62 52.50 11.49
C LYS B 70 -21.80 51.50 10.71
N VAL B 71 -21.87 51.59 9.37
CA VAL B 71 -21.07 50.72 8.52
C VAL B 71 -19.58 50.95 8.74
N SER B 72 -19.20 52.22 8.91
CA SER B 72 -17.78 52.60 8.95
C SER B 72 -17.02 51.98 10.12
N THR B 73 -17.74 51.57 11.17
CA THR B 73 -17.11 50.99 12.34
C THR B 73 -17.22 49.46 12.40
N THR B 74 -17.69 48.87 11.30
CA THR B 74 -17.76 47.42 11.17
C THR B 74 -16.54 46.92 10.42
N GLN B 75 -16.42 45.61 10.24
CA GLN B 75 -15.33 45.04 9.44
C GLN B 75 -15.40 45.56 8.00
N ILE B 76 -16.54 46.14 7.65
CA ILE B 76 -16.73 46.71 6.31
C ILE B 76 -15.83 47.92 6.09
N LYS B 77 -15.24 48.41 7.18
CA LYS B 77 -14.27 49.50 7.11
C LYS B 77 -13.03 49.13 6.28
N HIS B 78 -12.88 47.85 5.95
CA HIS B 78 -11.73 47.38 5.20
C HIS B 78 -11.97 47.39 3.69
N LEU B 79 -13.20 47.70 3.30
CA LEU B 79 -13.52 47.95 1.89
C LEU B 79 -13.15 49.39 1.57
N SER B 80 -13.09 49.72 0.28
CA SER B 80 -12.78 51.09 -0.12
C SER B 80 -13.90 52.05 0.29
N ASP B 81 -13.66 53.35 0.13
CA ASP B 81 -14.66 54.36 0.42
C ASP B 81 -15.90 54.20 -0.44
N SER B 82 -15.69 53.94 -1.73
CA SER B 82 -16.79 53.77 -2.67
C SER B 82 -17.61 52.50 -2.36
N GLU B 83 -16.93 51.46 -1.90
CA GLU B 83 -17.59 50.21 -1.57
C GLU B 83 -18.36 50.30 -0.25
N GLN B 84 -17.87 51.12 0.68
CA GLN B 84 -18.58 51.35 1.94
C GLN B 84 -19.85 52.15 1.69
N ARG B 85 -19.73 53.17 0.85
CA ARG B 85 -20.88 53.97 0.42
C ARG B 85 -21.89 53.07 -0.26
N GLU B 86 -21.40 52.15 -1.10
CA GLU B 86 -22.28 51.24 -1.82
C GLU B 86 -23.07 50.34 -0.86
N VAL B 87 -22.39 49.80 0.14
CA VAL B 87 -23.03 48.96 1.15
C VAL B 87 -24.07 49.76 1.94
N ALA B 88 -23.69 50.95 2.37
CA ALA B 88 -24.60 51.80 3.14
C ALA B 88 -25.84 52.15 2.31
N LYS B 89 -25.62 52.42 1.03
CA LYS B 89 -26.71 52.78 0.13
C LYS B 89 -27.68 51.61 -0.10
N LEU B 90 -27.13 50.42 -0.29
CA LEU B 90 -27.94 49.23 -0.49
C LEU B 90 -28.83 48.95 0.72
N ILE B 91 -28.26 49.09 1.91
CA ILE B 91 -29.03 48.94 3.15
C ILE B 91 -30.09 50.03 3.24
N TYR B 92 -29.74 51.23 2.78
CA TYR B 92 -30.63 52.38 2.81
C TYR B 92 -31.82 52.17 1.88
N GLU B 93 -31.58 51.43 0.79
CA GLU B 93 -32.57 51.27 -0.28
C GLU B 93 -33.50 50.06 -0.08
N MET B 94 -33.16 49.18 0.86
CA MET B 94 -33.98 48.00 1.13
C MET B 94 -35.43 48.35 1.48
N ASP B 95 -36.38 47.68 0.83
CA ASP B 95 -37.78 47.77 1.26
C ASP B 95 -37.98 46.81 2.43
N ASP B 96 -39.15 46.86 3.05
CA ASP B 96 -39.45 45.98 4.18
C ASP B 96 -39.19 44.51 3.86
N ASP B 97 -39.69 44.05 2.72
CA ASP B 97 -39.54 42.65 2.31
C ASP B 97 -38.07 42.21 2.20
N ALA B 98 -37.28 42.97 1.45
CA ALA B 98 -35.87 42.66 1.29
C ALA B 98 -35.15 42.62 2.64
N ARG B 99 -35.43 43.61 3.49
CA ARG B 99 -34.76 43.72 4.79
C ARG B 99 -35.10 42.56 5.71
N ASP B 100 -36.36 42.13 5.69
CA ASP B 100 -36.78 40.98 6.48
C ASP B 100 -36.11 39.70 5.99
N GLU B 101 -35.98 39.57 4.68
CA GLU B 101 -35.29 38.41 4.14
C GLU B 101 -33.82 38.45 4.53
N PHE B 102 -33.23 39.64 4.51
CA PHE B 102 -31.83 39.78 4.87
C PHE B 102 -31.59 39.44 6.34
N LEU B 103 -32.47 39.93 7.20
CA LEU B 103 -32.37 39.65 8.63
C LEU B 103 -32.56 38.16 8.94
N GLY B 104 -33.07 37.40 7.98
CA GLY B 104 -33.28 35.98 8.15
C GLY B 104 -32.20 35.16 7.49
N LEU B 105 -31.20 35.85 6.96
CA LEU B 105 -30.12 35.18 6.24
C LEU B 105 -28.88 35.00 7.11
N THR B 106 -28.42 33.75 7.23
CA THR B 106 -27.11 33.51 7.80
C THR B 106 -26.35 32.51 6.91
N PRO B 107 -25.06 32.79 6.67
CA PRO B 107 -24.27 32.01 5.72
C PRO B 107 -23.94 30.62 6.22
N ARG B 108 -23.88 29.67 5.28
CA ARG B 108 -23.67 28.27 5.61
C ARG B 108 -22.42 27.77 4.89
N PHE B 109 -21.81 26.74 5.46
CA PHE B 109 -20.60 26.17 4.87
C PHE B 109 -20.75 24.66 4.75
N TRP B 110 -20.36 24.14 3.59
CA TRP B 110 -20.61 22.74 3.23
C TRP B 110 -19.59 21.82 3.88
N THR B 111 -19.72 20.53 3.67
CA THR B 111 -18.59 19.64 3.84
C THR B 111 -18.17 19.49 2.38
N GLN B 112 -17.08 20.17 2.04
CA GLN B 112 -16.85 20.64 0.68
C GLN B 112 -16.12 19.64 -0.19
N GLY B 113 -15.58 20.12 -1.31
CA GLY B 113 -14.57 19.39 -2.06
C GLY B 113 -13.63 18.62 -1.14
N SER B 114 -13.59 19.04 0.13
CA SER B 114 -13.01 18.25 1.22
C SER B 114 -11.52 18.17 1.06
N PHE B 115 -10.95 19.23 0.52
CA PHE B 115 -9.56 19.22 0.11
C PHE B 115 -9.43 18.27 -1.07
N GLN B 116 -10.03 18.70 -2.19
CA GLN B 116 -9.89 18.03 -3.48
C GLN B 116 -10.28 16.55 -3.44
N TYR B 117 -11.46 16.28 -2.92
CA TYR B 117 -12.03 14.93 -2.94
C TYR B 117 -11.10 13.95 -2.23
N ASP B 118 -10.38 14.47 -1.23
CA ASP B 118 -9.38 13.71 -0.49
C ASP B 118 -8.22 13.25 -1.38
N THR B 119 -7.83 14.10 -2.32
CA THR B 119 -6.67 13.83 -3.16
C THR B 119 -5.76 15.05 -3.26
N LEU B 120 -5.70 15.82 -2.17
CA LEU B 120 -4.89 17.03 -2.15
C LEU B 120 -3.41 16.68 -1.94
N ASN B 121 -2.59 17.02 -2.93
CA ASN B 121 -1.19 16.66 -2.92
C ASN B 121 -0.30 17.77 -2.33
N ARG B 122 0.76 17.40 -1.63
CA ARG B 122 1.76 18.36 -1.24
C ARG B 122 2.31 19.03 -2.50
N PRO B 123 2.46 20.36 -2.46
CA PRO B 123 2.95 21.09 -3.64
C PRO B 123 4.37 20.64 -3.99
N PHE B 124 4.72 20.61 -5.27
CA PHE B 124 6.01 20.10 -5.69
C PHE B 124 6.99 21.23 -6.01
N GLN B 125 6.77 21.91 -7.13
CA GLN B 125 7.71 22.94 -7.58
C GLN B 125 7.54 24.23 -6.77
N PRO B 126 8.65 24.96 -6.61
CA PRO B 126 8.64 26.27 -5.95
C PRO B 126 7.61 27.18 -6.62
N GLY B 127 6.75 27.81 -5.82
CA GLY B 127 5.73 28.69 -6.34
C GLY B 127 4.39 28.00 -6.48
N GLN B 128 4.39 26.67 -6.58
CA GLN B 128 3.14 25.92 -6.64
C GLN B 128 2.47 25.96 -5.26
N GLU B 129 1.15 26.12 -5.27
CA GLU B 129 0.39 26.28 -4.03
C GLU B 129 -0.77 25.30 -3.99
N MET B 130 -1.18 24.92 -2.79
CA MET B 130 -2.37 24.09 -2.64
C MET B 130 -3.62 24.94 -2.90
N ASP B 131 -4.50 24.47 -3.80
CA ASP B 131 -5.75 25.17 -4.08
C ASP B 131 -6.92 24.52 -3.34
N ILE B 132 -7.47 25.20 -2.34
CA ILE B 132 -8.65 24.69 -1.66
C ILE B 132 -9.85 25.64 -1.75
N ASP B 133 -11.00 25.08 -2.09
CA ASP B 133 -12.23 25.86 -2.23
C ASP B 133 -13.12 25.60 -1.02
N ASP B 134 -13.59 26.68 -0.41
CA ASP B 134 -14.59 26.58 0.65
C ASP B 134 -15.71 27.58 0.38
N GLY B 135 -16.81 27.11 -0.19
CA GLY B 135 -17.90 27.99 -0.58
C GLY B 135 -18.73 28.47 0.60
N THR B 136 -19.27 29.68 0.46
CA THR B 136 -20.25 30.20 1.41
C THR B 136 -21.63 30.10 0.76
N TYR B 137 -22.54 29.38 1.39
CA TYR B 137 -23.86 29.14 0.82
C TYR B 137 -24.94 30.01 1.46
N MET B 138 -25.66 30.76 0.65
CA MET B 138 -26.66 31.72 1.14
C MET B 138 -28.07 31.18 0.95
N PRO B 139 -28.65 30.62 2.03
CA PRO B 139 -30.01 30.08 1.92
C PRO B 139 -31.03 31.20 1.77
N MET B 140 -31.62 31.33 0.58
CA MET B 140 -32.60 32.38 0.32
C MET B 140 -33.80 31.81 -0.44
N PRO B 141 -34.88 32.60 -0.52
CA PRO B 141 -36.08 32.18 -1.27
C PRO B 141 -35.72 31.92 -2.72
N ILE B 142 -36.23 30.82 -3.29
CA ILE B 142 -35.88 30.42 -4.65
C ILE B 142 -36.12 31.58 -5.60
N PHE B 143 -35.09 31.93 -6.36
CA PHE B 143 -35.17 33.12 -7.19
C PHE B 143 -35.02 32.87 -8.70
N GLU B 144 -35.55 33.83 -9.45
CA GLU B 144 -35.38 33.94 -10.88
C GLU B 144 -34.64 35.26 -11.00
N SER B 145 -33.93 35.49 -12.11
CA SER B 145 -33.28 36.79 -12.27
C SER B 145 -32.38 37.09 -11.07
N GLU B 146 -32.78 38.09 -10.27
CA GLU B 146 -32.06 38.42 -9.05
C GLU B 146 -32.94 38.06 -7.84
N PRO B 147 -32.29 37.57 -6.77
CA PRO B 147 -32.87 36.96 -5.56
C PRO B 147 -33.60 37.90 -4.61
N LYS B 148 -33.38 39.21 -4.76
CA LYS B 148 -33.89 40.22 -3.84
C LYS B 148 -33.04 40.36 -2.58
N ILE B 149 -32.18 39.38 -2.31
CA ILE B 149 -31.03 39.65 -1.46
C ILE B 149 -29.92 39.93 -2.46
N GLY B 150 -29.50 41.19 -2.54
CA GLY B 150 -28.68 41.65 -3.64
C GLY B 150 -27.38 40.88 -3.86
N HIS B 151 -27.15 40.50 -5.11
CA HIS B 151 -25.87 39.94 -5.54
C HIS B 151 -24.76 40.89 -5.12
N SER B 152 -24.97 42.18 -5.37
CA SER B 152 -23.99 43.19 -5.01
C SER B 152 -23.65 43.19 -3.52
N LEU B 153 -24.69 43.23 -2.67
CA LEU B 153 -24.50 43.30 -1.23
C LEU B 153 -23.76 42.07 -0.69
N LEU B 154 -24.16 40.89 -1.15
CA LEU B 154 -23.56 39.65 -0.68
C LEU B 154 -22.08 39.56 -1.02
N ILE B 155 -21.73 39.92 -2.25
CA ILE B 155 -20.33 39.91 -2.67
C ILE B 155 -19.52 40.93 -1.86
N LEU B 156 -20.09 42.11 -1.66
CA LEU B 156 -19.45 43.15 -0.86
C LEU B 156 -19.20 42.66 0.56
N LEU B 157 -20.18 41.97 1.15
CA LEU B 157 -20.04 41.45 2.50
C LEU B 157 -18.98 40.34 2.62
N VAL B 158 -18.91 39.46 1.61
CA VAL B 158 -17.90 38.41 1.61
C VAL B 158 -16.50 38.99 1.43
N ASP B 159 -16.38 39.97 0.54
CA ASP B 159 -15.12 40.67 0.32
C ASP B 159 -14.66 41.35 1.61
N ALA B 160 -15.60 41.92 2.35
CA ALA B 160 -15.31 42.57 3.62
C ALA B 160 -14.71 41.58 4.61
N SER B 161 -15.30 40.39 4.68
CA SER B 161 -14.77 39.32 5.53
C SER B 161 -13.34 38.98 5.17
N LEU B 162 -13.11 38.64 3.91
CA LEU B 162 -11.80 38.21 3.43
C LEU B 162 -10.77 39.33 3.60
N LYS B 163 -11.14 40.55 3.21
CA LYS B 163 -10.22 41.68 3.27
C LYS B 163 -9.91 42.08 4.71
N SER B 164 -10.85 41.82 5.62
CA SER B 164 -10.62 42.12 7.03
C SER B 164 -9.63 41.15 7.65
N LEU B 165 -9.69 39.89 7.24
CA LEU B 165 -8.73 38.89 7.71
C LEU B 165 -7.34 39.20 7.17
N VAL B 166 -7.29 39.62 5.91
CA VAL B 166 -6.05 40.00 5.26
C VAL B 166 -5.36 41.18 5.95
N ALA B 167 -6.16 42.10 6.49
CA ALA B 167 -5.62 43.27 7.17
C ALA B 167 -5.04 42.91 8.54
N GLU B 168 -5.53 41.83 9.13
CA GLU B 168 -5.11 41.42 10.47
C GLU B 168 -4.07 40.32 10.43
N ASN B 169 -3.82 39.77 9.25
CA ASN B 169 -2.85 38.68 9.11
C ASN B 169 -1.74 39.00 8.11
N HIS B 170 -0.57 39.31 8.63
CA HIS B 170 0.58 39.62 7.79
C HIS B 170 1.02 38.38 7.03
N GLY B 171 1.29 38.56 5.74
CA GLY B 171 1.57 37.44 4.86
C GLY B 171 0.39 37.14 3.95
N TRP B 172 -0.80 37.57 4.35
CA TRP B 172 -2.00 37.31 3.56
C TRP B 172 -2.23 38.39 2.51
N LYS B 173 -2.80 37.99 1.38
CA LYS B 173 -3.19 38.93 0.35
C LYS B 173 -4.53 38.53 -0.23
N PHE B 174 -5.30 39.52 -0.67
CA PHE B 174 -6.61 39.27 -1.27
C PHE B 174 -6.52 39.38 -2.78
N GLU B 175 -7.24 38.50 -3.47
CA GLU B 175 -7.38 38.60 -4.93
C GLU B 175 -8.81 38.29 -5.34
N ALA B 176 -9.41 39.21 -6.10
CA ALA B 176 -10.76 38.98 -6.62
C ALA B 176 -10.65 38.24 -7.94
N LYS B 177 -11.39 37.13 -8.05
CA LYS B 177 -11.45 36.38 -9.29
C LYS B 177 -12.89 36.36 -9.81
N GLN B 178 -13.11 35.73 -10.97
CA GLN B 178 -14.43 35.72 -11.59
C GLN B 178 -15.49 35.00 -10.74
N THR B 179 -15.15 33.81 -10.26
CA THR B 179 -16.09 33.02 -9.49
C THR B 179 -15.93 33.09 -7.97
N CYS B 180 -14.94 33.84 -7.50
CA CYS B 180 -14.64 33.83 -6.06
C CYS B 180 -13.69 34.93 -5.60
N GLY B 181 -13.73 35.19 -4.29
CA GLY B 181 -12.69 35.98 -3.65
C GLY B 181 -11.61 35.02 -3.19
N ARG B 182 -10.36 35.45 -3.23
CA ARG B 182 -9.26 34.56 -2.89
C ARG B 182 -8.33 35.12 -1.82
N ILE B 183 -7.96 34.28 -0.87
CA ILE B 183 -6.91 34.64 0.09
C ILE B 183 -5.67 33.80 -0.18
N LYS B 184 -4.57 34.46 -0.51
CA LYS B 184 -3.32 33.77 -0.78
C LYS B 184 -2.40 33.86 0.43
N ILE B 185 -1.81 32.73 0.81
CA ILE B 185 -0.89 32.70 1.93
C ILE B 185 0.43 32.10 1.44
N GLU B 186 1.23 32.93 0.78
CA GLU B 186 2.47 32.48 0.14
C GLU B 186 3.36 31.68 1.09
N ALA B 187 3.55 32.19 2.31
CA ALA B 187 4.40 31.53 3.30
C ALA B 187 3.96 30.11 3.62
N GLU B 188 2.66 29.83 3.49
CA GLU B 188 2.14 28.50 3.76
C GLU B 188 1.83 27.75 2.47
N LYS B 189 2.27 28.31 1.34
CA LYS B 189 2.11 27.67 0.03
C LYS B 189 0.66 27.29 -0.20
N THR B 190 -0.23 28.20 0.18
CA THR B 190 -1.66 27.91 0.22
C THR B 190 -2.46 29.11 -0.27
N HIS B 191 -3.53 28.84 -1.01
CA HIS B 191 -4.57 29.85 -1.22
C HIS B 191 -5.93 29.19 -1.08
N ILE B 192 -6.88 29.95 -0.55
CA ILE B 192 -8.23 29.42 -0.36
C ILE B 192 -9.25 30.27 -1.09
N ASP B 193 -10.04 29.63 -1.96
CA ASP B 193 -11.02 30.33 -2.75
C ASP B 193 -12.38 30.24 -2.07
N VAL B 194 -13.10 31.35 -2.02
CA VAL B 194 -14.41 31.38 -1.38
C VAL B 194 -15.46 31.86 -2.38
N PRO B 195 -15.96 30.94 -3.22
CA PRO B 195 -17.09 31.20 -4.12
C PRO B 195 -18.37 31.36 -3.30
N MET B 196 -19.34 32.11 -3.84
CA MET B 196 -20.59 32.32 -3.11
C MET B 196 -21.75 31.74 -3.89
N TYR B 197 -22.54 30.90 -3.22
CA TYR B 197 -23.66 30.23 -3.86
C TYR B 197 -24.94 30.68 -3.21
N ALA B 198 -26.02 30.72 -3.98
CA ALA B 198 -27.35 30.93 -3.41
C ALA B 198 -28.05 29.58 -3.46
N ILE B 199 -28.63 29.16 -2.34
CA ILE B 199 -29.44 27.96 -2.32
C ILE B 199 -30.84 28.24 -1.77
N PRO B 200 -31.82 27.43 -2.20
CA PRO B 200 -33.21 27.48 -1.76
C PRO B 200 -33.33 27.45 -0.24
N LYS B 201 -34.18 28.33 0.31
CA LYS B 201 -34.26 28.55 1.77
C LYS B 201 -34.64 27.31 2.55
N ASP B 202 -35.63 26.56 2.05
CA ASP B 202 -35.94 25.29 2.65
C ASP B 202 -35.58 24.18 1.67
N GLU B 203 -34.45 23.52 1.92
CA GLU B 203 -34.04 22.38 1.11
C GLU B 203 -34.26 22.63 -0.39
N LEU B 204 -35.08 21.80 -1.01
CA LEU B 204 -35.36 21.93 -2.44
C LEU B 204 -34.04 21.81 -3.17
N ASP B 205 -33.20 20.94 -2.64
CA ASP B 205 -31.86 20.76 -3.15
C ASP B 205 -31.94 20.21 -4.57
N SER B 206 -30.80 20.30 -5.25
CA SER B 206 -30.52 19.60 -6.51
C SER B 206 -30.93 20.25 -7.83
N GLU B 207 -31.82 21.25 -7.85
CA GLU B 207 -31.83 22.16 -9.01
C GLU B 207 -31.28 23.58 -8.80
N ASN B 208 -31.32 24.06 -7.57
CA ASN B 208 -31.21 25.51 -7.36
C ASN B 208 -29.93 26.17 -6.86
N VAL B 209 -28.86 25.40 -6.72
CA VAL B 209 -27.56 25.99 -6.36
C VAL B 209 -27.09 26.95 -7.46
N ASN B 210 -27.05 28.24 -7.14
CA ASN B 210 -26.55 29.24 -8.08
C ASN B 210 -25.24 29.87 -7.62
N LEU B 211 -24.23 29.82 -8.48
CA LEU B 211 -22.93 30.42 -8.22
C LEU B 211 -22.97 31.91 -8.56
N ALA B 212 -22.48 32.75 -7.67
CA ALA B 212 -22.40 34.17 -7.96
C ALA B 212 -21.16 34.48 -8.79
N LEU B 213 -21.38 35.01 -9.99
CA LEU B 213 -20.29 35.47 -10.85
C LEU B 213 -20.01 36.94 -10.53
N ARG B 214 -18.73 37.29 -10.38
CA ARG B 214 -18.34 38.62 -9.92
C ARG B 214 -18.17 39.64 -11.04
N GLU B 215 -18.20 39.17 -12.29
CA GLU B 215 -18.04 40.05 -13.45
C GLU B 215 -18.98 39.65 -14.58
N GLY B 216 -18.95 40.42 -15.67
CA GLY B 216 -19.77 40.11 -16.83
C GLY B 216 -21.25 40.35 -16.61
N ASP B 217 -22.05 39.93 -17.58
CA ASP B 217 -23.48 40.20 -17.60
C ASP B 217 -24.32 39.28 -16.72
N ARG B 218 -24.01 37.99 -16.72
CA ARG B 218 -24.80 37.05 -15.93
C ARG B 218 -24.31 37.02 -14.49
N LYS B 219 -25.19 37.39 -13.56
CA LYS B 219 -24.84 37.50 -12.15
C LYS B 219 -24.84 36.14 -11.46
N TRP B 220 -25.71 35.24 -11.93
CA TRP B 220 -25.81 33.89 -11.39
C TRP B 220 -25.74 32.83 -12.48
N ILE B 221 -25.12 31.69 -12.18
CA ILE B 221 -25.19 30.52 -13.05
C ILE B 221 -25.41 29.24 -12.22
N ASN B 222 -26.27 28.36 -12.72
CA ASN B 222 -26.48 27.06 -12.10
C ASN B 222 -25.16 26.30 -12.09
N SER B 223 -24.63 26.09 -10.89
CA SER B 223 -23.38 25.36 -10.70
C SER B 223 -23.43 24.70 -9.32
N ASP B 224 -23.62 23.39 -9.31
CA ASP B 224 -23.78 22.62 -8.08
C ASP B 224 -22.56 21.71 -7.89
N PRO B 225 -21.63 22.13 -7.02
CA PRO B 225 -20.42 21.35 -6.73
C PRO B 225 -20.72 19.94 -6.24
N LYS B 226 -21.92 19.72 -5.71
CA LYS B 226 -22.31 18.41 -5.19
C LYS B 226 -22.40 17.33 -6.29
N ILE B 227 -22.68 17.76 -7.52
CA ILE B 227 -22.80 16.85 -8.64
C ILE B 227 -21.47 16.11 -8.90
N VAL B 228 -20.40 16.89 -9.05
CA VAL B 228 -19.07 16.30 -9.23
C VAL B 228 -18.61 15.56 -7.98
N GLU B 229 -18.93 16.10 -6.80
CA GLU B 229 -18.57 15.46 -5.55
C GLU B 229 -19.18 14.05 -5.43
N ASP B 230 -20.49 13.95 -5.68
CA ASP B 230 -21.19 12.68 -5.60
C ASP B 230 -20.71 11.70 -6.68
N TRP B 231 -20.46 12.21 -7.87
CA TRP B 231 -19.96 11.39 -8.97
C TRP B 231 -18.66 10.72 -8.58
N PHE B 232 -17.74 11.50 -8.01
CA PHE B 232 -16.43 10.97 -7.66
C PHE B 232 -16.50 10.02 -6.47
N ASN B 233 -17.25 10.40 -5.43
CA ASN B 233 -17.46 9.53 -4.28
C ASN B 233 -18.03 8.17 -4.70
N ASP B 234 -19.03 8.21 -5.57
CA ASP B 234 -19.62 6.98 -6.12
C ASP B 234 -18.57 6.19 -6.93
N SER B 235 -17.79 6.90 -7.74
CA SER B 235 -16.76 6.25 -8.56
C SER B 235 -15.74 5.53 -7.70
N CYS B 236 -15.36 6.12 -6.57
CA CYS B 236 -14.43 5.49 -5.65
C CYS B 236 -14.98 4.17 -5.11
N ILE B 237 -16.27 4.15 -4.78
CA ILE B 237 -16.93 2.95 -4.30
C ILE B 237 -17.01 1.87 -5.38
N ARG B 238 -17.44 2.29 -6.57
CA ARG B 238 -17.61 1.39 -7.72
C ARG B 238 -16.30 0.76 -8.17
N ILE B 239 -15.24 1.57 -8.24
CA ILE B 239 -13.95 1.14 -8.78
C ILE B 239 -13.02 0.56 -7.72
N GLY B 240 -12.98 1.20 -6.55
CA GLY B 240 -12.15 0.71 -5.46
C GLY B 240 -11.22 1.76 -4.88
N LYS B 241 -10.51 1.38 -3.82
CA LYS B 241 -9.66 2.32 -3.08
C LYS B 241 -8.49 2.89 -3.89
N HIS B 242 -8.11 2.20 -4.96
CA HIS B 242 -6.96 2.63 -5.74
C HIS B 242 -7.27 3.85 -6.62
N LEU B 243 -8.56 4.17 -6.78
CA LEU B 243 -8.95 5.30 -7.64
C LEU B 243 -8.37 6.63 -7.14
N ARG B 244 -8.48 6.89 -5.84
CA ARG B 244 -7.93 8.11 -5.28
C ARG B 244 -6.40 8.15 -5.38
N LYS B 245 -5.78 6.98 -5.30
CA LYS B 245 -4.32 6.92 -5.38
C LYS B 245 -3.82 7.26 -6.78
N VAL B 246 -4.48 6.71 -7.81
CA VAL B 246 -4.07 6.96 -9.19
C VAL B 246 -4.42 8.38 -9.64
N CYS B 247 -5.44 8.96 -9.02
CA CYS B 247 -5.80 10.34 -9.30
C CYS B 247 -4.75 11.26 -8.70
N ARG B 248 -4.32 10.95 -7.48
CA ARG B 248 -3.19 11.63 -6.87
C ARG B 248 -1.96 11.57 -7.76
N PHE B 249 -1.66 10.39 -8.32
CA PHE B 249 -0.45 10.18 -9.11
C PHE B 249 -0.50 10.98 -10.40
N MET B 250 -1.68 11.05 -11.02
CA MET B 250 -1.83 11.79 -12.25
C MET B 250 -1.72 13.29 -11.98
N LYS B 251 -2.27 13.73 -10.86
CA LYS B 251 -2.12 15.12 -10.43
C LYS B 251 -0.67 15.45 -10.11
N ALA B 252 0.04 14.50 -9.50
CA ALA B 252 1.46 14.67 -9.23
C ALA B 252 2.24 14.75 -10.54
N TRP B 253 1.91 13.88 -11.48
CA TRP B 253 2.51 13.90 -12.81
C TRP B 253 2.34 15.29 -13.42
N ARG B 254 1.12 15.80 -13.36
CA ARG B 254 0.80 17.13 -13.88
C ARG B 254 1.66 18.22 -13.21
N ASP B 255 1.74 18.18 -11.88
CA ASP B 255 2.54 19.15 -11.13
C ASP B 255 4.00 19.14 -11.56
N ALA B 256 4.48 17.95 -11.93
CA ALA B 256 5.89 17.76 -12.28
C ALA B 256 6.19 18.18 -13.72
N GLN B 257 5.22 18.02 -14.62
CA GLN B 257 5.44 18.35 -16.02
C GLN B 257 5.31 19.84 -16.27
N TRP B 258 4.47 20.50 -15.47
CA TRP B 258 4.24 21.94 -15.64
C TRP B 258 4.41 22.71 -14.33
N ASP B 259 5.30 23.71 -14.35
CA ASP B 259 5.46 24.63 -13.24
C ASP B 259 4.14 25.38 -13.06
N VAL B 260 3.70 26.00 -14.15
CA VAL B 260 2.38 26.60 -14.24
C VAL B 260 1.65 25.99 -15.43
N GLY B 261 0.38 25.64 -15.27
CA GLY B 261 -0.40 25.09 -16.37
C GLY B 261 -0.58 23.59 -16.35
N GLY B 262 -0.91 23.03 -17.51
CA GLY B 262 -1.25 21.61 -17.60
C GLY B 262 -2.75 21.42 -17.46
N PRO B 263 -3.25 20.20 -17.70
CA PRO B 263 -4.69 19.96 -17.62
C PRO B 263 -5.22 20.09 -16.20
N SER B 264 -6.50 20.43 -16.04
CA SER B 264 -7.09 20.55 -14.72
C SER B 264 -7.08 19.21 -14.02
N SER B 265 -7.06 19.22 -12.69
CA SER B 265 -7.15 17.98 -11.93
C SER B 265 -8.44 17.22 -12.24
N ILE B 266 -9.54 17.95 -12.43
CA ILE B 266 -10.83 17.30 -12.64
C ILE B 266 -10.88 16.58 -13.98
N SER B 267 -10.21 17.13 -14.99
CA SER B 267 -10.16 16.47 -16.30
C SER B 267 -9.41 15.14 -16.21
N LEU B 268 -8.33 15.13 -15.43
CA LEU B 268 -7.55 13.92 -15.20
C LEU B 268 -8.37 12.89 -14.42
N MET B 269 -9.14 13.37 -13.45
CA MET B 269 -10.03 12.51 -12.68
C MET B 269 -11.11 11.88 -13.56
N ALA B 270 -11.73 12.70 -14.40
CA ALA B 270 -12.81 12.23 -15.26
C ALA B 270 -12.31 11.21 -16.28
N ALA B 271 -11.17 11.50 -16.88
CA ALA B 271 -10.55 10.59 -17.86
C ALA B 271 -10.15 9.28 -17.20
N THR B 272 -9.53 9.37 -16.02
CA THR B 272 -9.08 8.19 -15.29
C THR B 272 -10.26 7.27 -14.94
N VAL B 273 -11.37 7.88 -14.50
CA VAL B 273 -12.56 7.12 -14.16
C VAL B 273 -13.13 6.42 -15.39
N ASN B 274 -13.16 7.12 -16.51
CA ASN B 274 -13.66 6.55 -17.75
C ASN B 274 -12.83 5.34 -18.17
N ILE B 275 -11.51 5.41 -17.96
CA ILE B 275 -10.61 4.34 -18.34
C ILE B 275 -10.75 3.13 -17.41
N LEU B 276 -10.81 3.38 -16.11
CA LEU B 276 -10.90 2.28 -15.15
C LEU B 276 -12.26 1.58 -15.19
N ASP B 277 -13.30 2.30 -15.62
CA ASP B 277 -14.64 1.70 -15.75
C ASP B 277 -14.72 0.75 -16.95
N SER B 278 -13.96 1.04 -18.00
CA SER B 278 -14.10 0.33 -19.27
C SER B 278 -12.91 -0.55 -19.65
N VAL B 279 -11.85 -0.54 -18.83
CA VAL B 279 -10.67 -1.34 -19.14
C VAL B 279 -10.24 -2.20 -17.95
N ALA B 280 -10.16 -3.50 -18.18
CA ALA B 280 -9.74 -4.44 -17.14
C ALA B 280 -8.36 -4.10 -16.60
N HIS B 281 -8.20 -4.18 -15.28
CA HIS B 281 -6.94 -3.85 -14.63
C HIS B 281 -6.85 -4.56 -13.28
N ASP B 282 -5.64 -4.62 -12.73
CA ASP B 282 -5.39 -5.28 -11.46
C ASP B 282 -4.91 -4.25 -10.45
N ALA B 283 -5.74 -3.96 -9.44
CA ALA B 283 -5.41 -2.93 -8.47
C ALA B 283 -4.29 -3.35 -7.53
N SER B 284 -3.98 -4.65 -7.50
CA SER B 284 -2.92 -5.17 -6.64
C SER B 284 -1.55 -4.77 -7.17
N ASP B 285 -1.52 -4.29 -8.42
CA ASP B 285 -0.31 -3.74 -9.02
C ASP B 285 -0.64 -2.37 -9.62
N LEU B 286 -0.39 -1.31 -8.85
CA LEU B 286 -0.65 0.04 -9.34
C LEU B 286 0.31 0.46 -10.45
N GLY B 287 1.48 -0.17 -10.49
CA GLY B 287 2.43 0.09 -11.55
C GLY B 287 1.84 -0.30 -12.88
N GLU B 288 1.16 -1.44 -12.89
CA GLU B 288 0.51 -1.95 -14.09
C GLU B 288 -0.77 -1.16 -14.38
N THR B 289 -1.52 -0.85 -13.32
CA THR B 289 -2.72 -0.04 -13.46
C THR B 289 -2.41 1.34 -14.03
N MET B 290 -1.29 1.91 -13.62
CA MET B 290 -0.86 3.21 -14.12
C MET B 290 -0.46 3.15 -15.59
N LYS B 291 0.10 2.01 -16.01
CA LYS B 291 0.48 1.83 -17.41
C LYS B 291 -0.76 1.75 -18.28
N ILE B 292 -1.81 1.11 -17.78
CA ILE B 292 -3.07 1.02 -18.49
C ILE B 292 -3.73 2.39 -18.59
N ILE B 293 -3.68 3.16 -17.49
CA ILE B 293 -4.23 4.50 -17.53
C ILE B 293 -3.45 5.35 -18.54
N ALA B 294 -2.12 5.29 -18.47
CA ALA B 294 -1.26 6.06 -19.37
C ALA B 294 -1.52 5.74 -20.84
N LYS B 295 -1.74 4.47 -21.13
CA LYS B 295 -2.00 4.00 -22.50
C LYS B 295 -3.25 4.63 -23.12
N HIS B 296 -4.26 4.90 -22.29
CA HIS B 296 -5.54 5.35 -22.80
C HIS B 296 -5.83 6.85 -22.61
N LEU B 297 -5.04 7.53 -21.79
CA LEU B 297 -5.29 8.96 -21.55
C LEU B 297 -5.25 9.81 -22.83
N PRO B 298 -4.29 9.55 -23.73
CA PRO B 298 -4.23 10.34 -24.96
C PRO B 298 -5.55 10.34 -25.74
N SER B 299 -6.17 9.18 -25.92
CA SER B 299 -7.43 9.11 -26.65
C SER B 299 -8.57 9.79 -25.90
N GLU B 300 -8.56 9.70 -24.57
CA GLU B 300 -9.56 10.42 -23.77
C GLU B 300 -9.44 11.93 -23.95
N PHE B 301 -8.21 12.43 -23.92
CA PHE B 301 -7.99 13.87 -24.02
C PHE B 301 -8.14 14.41 -25.46
N ALA B 302 -7.69 13.64 -26.44
CA ALA B 302 -7.84 14.03 -27.84
C ALA B 302 -9.29 14.30 -28.22
N ARG B 303 -10.20 13.43 -27.77
CA ARG B 303 -11.62 13.57 -28.08
C ARG B 303 -12.25 14.73 -27.31
N GLY B 304 -11.53 15.23 -26.32
CA GLY B 304 -12.06 16.23 -25.39
C GLY B 304 -12.60 15.49 -24.20
N VAL B 305 -12.49 16.08 -23.01
CA VAL B 305 -12.94 15.39 -21.80
C VAL B 305 -14.26 15.96 -21.29
N GLU B 306 -15.31 15.14 -21.34
CA GLU B 306 -16.65 15.58 -20.95
C GLU B 306 -16.78 15.66 -19.43
N SER B 307 -17.42 16.71 -18.94
CA SER B 307 -17.68 16.80 -17.51
C SER B 307 -18.67 15.73 -17.08
N PRO B 308 -18.42 15.10 -15.92
CA PRO B 308 -19.33 14.11 -15.32
C PRO B 308 -20.66 14.75 -14.98
N ASP B 309 -20.69 16.08 -14.95
CA ASP B 309 -21.94 16.81 -14.80
C ASP B 309 -22.43 17.08 -16.22
N SER B 310 -23.50 16.38 -16.61
CA SER B 310 -24.02 16.50 -17.96
C SER B 310 -24.77 17.81 -18.14
N THR B 311 -24.94 18.53 -17.04
CA THR B 311 -25.50 19.88 -17.06
C THR B 311 -24.48 20.85 -17.65
N ASP B 312 -23.20 20.51 -17.48
CA ASP B 312 -22.11 21.35 -17.96
C ASP B 312 -21.69 20.89 -19.36
N GLU B 313 -21.95 21.72 -20.37
CA GLU B 313 -21.61 21.37 -21.74
C GLU B 313 -20.24 21.86 -22.19
N LYS B 314 -19.51 22.51 -21.29
CA LYS B 314 -18.13 22.90 -21.58
C LYS B 314 -17.19 21.78 -21.13
N PRO B 315 -16.38 21.27 -22.07
CA PRO B 315 -15.42 20.19 -21.82
C PRO B 315 -14.44 20.56 -20.72
N LEU B 316 -13.98 19.57 -19.93
CA LEU B 316 -12.97 19.82 -18.91
C LEU B 316 -11.62 20.04 -19.61
N PHE B 317 -11.46 19.42 -20.76
CA PHE B 317 -10.31 19.65 -21.63
C PHE B 317 -10.86 19.65 -23.06
N PRO B 318 -10.37 20.56 -23.90
CA PRO B 318 -10.98 20.69 -25.23
C PRO B 318 -10.54 19.63 -26.24
N PRO B 319 -11.39 19.34 -27.24
CA PRO B 319 -11.08 18.35 -28.27
C PRO B 319 -9.95 18.83 -29.19
N SER B 320 -9.28 17.89 -29.86
CA SER B 320 -8.08 18.18 -30.65
C SER B 320 -8.18 19.35 -31.62
N TYR B 321 -9.32 19.51 -32.26
CA TYR B 321 -9.49 20.56 -33.27
C TYR B 321 -9.47 21.98 -32.67
N LYS B 322 -9.58 22.08 -31.36
CA LYS B 322 -9.55 23.38 -30.69
C LYS B 322 -8.20 23.68 -30.04
N HIS B 323 -7.22 22.80 -30.27
CA HIS B 323 -5.95 22.90 -29.57
C HIS B 323 -5.04 24.02 -30.03
N GLY B 324 -4.52 24.76 -29.06
CA GLY B 324 -3.43 25.70 -29.28
C GLY B 324 -2.16 25.06 -28.75
N PRO B 325 -1.09 25.86 -28.60
CA PRO B 325 0.23 25.37 -28.16
C PRO B 325 0.20 24.68 -26.79
N ARG B 326 -0.66 25.17 -25.91
CA ARG B 326 -0.79 24.63 -24.56
C ARG B 326 -1.37 23.23 -24.57
N GLU B 327 -2.49 23.07 -25.26
CA GLU B 327 -3.13 21.76 -25.40
C GLU B 327 -2.28 20.78 -26.18
N MET B 328 -1.60 21.26 -27.22
CA MET B 328 -0.66 20.43 -27.98
C MET B 328 0.49 19.98 -27.07
N ASP B 329 0.93 20.87 -26.19
CA ASP B 329 1.99 20.55 -25.23
C ASP B 329 1.51 19.42 -24.32
N ILE B 330 0.28 19.55 -23.84
CA ILE B 330 -0.33 18.56 -22.97
C ILE B 330 -0.47 17.20 -23.65
N MET B 331 -0.94 17.21 -24.90
CA MET B 331 -1.06 15.96 -25.66
C MET B 331 0.28 15.26 -25.80
N SER B 332 1.32 16.07 -26.04
CA SER B 332 2.68 15.57 -26.23
C SER B 332 3.17 14.87 -24.97
N LYS B 333 2.98 15.50 -23.82
CA LYS B 333 3.42 14.92 -22.55
C LYS B 333 2.63 13.66 -22.19
N LEU B 334 1.33 13.67 -22.50
CA LEU B 334 0.47 12.51 -22.28
C LEU B 334 0.92 11.31 -23.09
N GLU B 335 1.38 11.56 -24.32
CA GLU B 335 1.86 10.50 -25.19
C GLU B 335 3.21 9.94 -24.71
N ARG B 336 4.04 10.80 -24.13
CA ARG B 336 5.33 10.34 -23.58
C ARG B 336 5.14 9.46 -22.36
N LEU B 337 4.06 9.67 -21.62
CA LEU B 337 3.87 9.03 -20.30
C LEU B 337 3.94 7.51 -20.30
N PRO B 338 3.14 6.86 -21.16
CA PRO B 338 3.19 5.38 -21.23
C PRO B 338 4.56 4.87 -21.66
N GLU B 339 5.28 5.64 -22.47
CA GLU B 339 6.63 5.26 -22.89
C GLU B 339 7.61 5.39 -21.72
N ILE B 340 7.44 6.43 -20.92
CA ILE B 340 8.25 6.59 -19.72
C ILE B 340 8.09 5.40 -18.79
N LEU B 341 6.83 5.01 -18.54
CA LEU B 341 6.53 3.92 -17.63
C LEU B 341 7.03 2.57 -18.14
N SER B 342 7.01 2.35 -19.45
CA SER B 342 7.52 1.10 -19.98
C SER B 342 9.05 1.09 -19.97
N SER B 343 9.66 2.23 -20.27
CA SER B 343 11.12 2.36 -20.22
C SER B 343 11.66 2.13 -18.81
N ALA B 344 10.98 2.72 -17.82
CA ALA B 344 11.33 2.49 -16.42
C ALA B 344 11.27 1.00 -16.11
N GLU B 345 10.25 0.33 -16.64
CA GLU B 345 9.98 -1.07 -16.36
C GLU B 345 11.08 -2.00 -16.87
N SER B 346 11.77 -1.58 -17.92
CA SER B 346 12.81 -2.40 -18.53
C SER B 346 14.22 -1.84 -18.33
N ALA B 347 14.39 -0.95 -17.34
CA ALA B 347 15.69 -0.35 -17.06
C ALA B 347 16.73 -1.36 -16.58
N ASP B 348 18.00 -1.03 -16.75
CA ASP B 348 19.10 -1.95 -16.43
C ASP B 348 19.29 -2.17 -14.93
N SER B 349 18.87 -1.20 -14.13
CA SER B 349 19.08 -1.23 -12.68
C SER B 349 17.96 -0.50 -11.96
N LYS B 350 17.88 -0.68 -10.64
CA LYS B 350 16.90 0.01 -9.82
C LYS B 350 17.13 1.52 -9.83
N SER B 351 18.40 1.91 -9.82
CA SER B 351 18.77 3.32 -9.83
C SER B 351 18.34 3.98 -11.13
N GLU B 352 18.41 3.22 -12.23
CA GLU B 352 17.98 3.74 -13.52
C GLU B 352 16.46 3.71 -13.63
N ALA B 353 15.85 2.64 -13.12
CA ALA B 353 14.40 2.52 -13.13
C ALA B 353 13.76 3.68 -12.37
N LEU B 354 14.38 4.07 -11.26
CA LEU B 354 13.88 5.18 -10.46
C LEU B 354 14.01 6.51 -11.20
N LYS B 355 15.17 6.71 -11.79
CA LYS B 355 15.45 7.92 -12.56
C LYS B 355 14.44 8.11 -13.70
N LYS B 356 14.13 7.02 -14.40
CA LYS B 356 13.19 7.08 -15.52
C LYS B 356 11.75 7.37 -15.09
N ILE B 357 11.27 6.67 -14.07
CA ILE B 357 9.89 6.87 -13.66
C ILE B 357 9.70 8.24 -13.01
N ASN B 358 10.75 8.76 -12.40
CA ASN B 358 10.70 10.09 -11.81
C ASN B 358 10.66 11.20 -12.86
N MET B 359 10.87 10.83 -14.11
CA MET B 359 10.73 11.78 -15.22
C MET B 359 9.25 12.04 -15.46
N ALA B 360 8.41 11.12 -15.00
CA ALA B 360 6.96 11.29 -15.04
C ALA B 360 6.50 12.07 -13.81
N PHE B 361 6.89 11.61 -12.63
CA PHE B 361 6.32 12.14 -11.38
C PHE B 361 7.23 13.10 -10.62
N GLY B 362 8.38 13.42 -11.21
CA GLY B 362 9.33 14.35 -10.60
C GLY B 362 10.27 13.65 -9.62
N ASN B 363 11.32 14.33 -9.18
CA ASN B 363 12.21 13.68 -8.24
C ASN B 363 11.73 13.99 -6.83
N ARG B 364 11.08 12.99 -6.25
CA ARG B 364 10.43 13.06 -4.95
C ARG B 364 10.82 11.81 -4.18
N VAL B 365 10.41 10.66 -4.72
CA VAL B 365 10.83 9.38 -4.17
C VAL B 365 12.32 9.23 -4.44
N THR B 366 13.10 9.10 -3.38
CA THR B 366 14.54 8.87 -3.51
C THR B 366 14.99 7.42 -3.30
N ASN B 367 14.06 6.55 -2.91
CA ASN B 367 14.42 5.21 -2.50
C ASN B 367 14.29 4.19 -3.62
N SER B 368 15.40 3.95 -4.33
CA SER B 368 15.39 3.02 -5.45
C SER B 368 15.07 1.58 -5.01
N GLU B 369 15.29 1.27 -3.74
CA GLU B 369 15.02 -0.09 -3.24
C GLU B 369 13.54 -0.41 -3.18
N LEU B 370 12.70 0.61 -3.36
CA LEU B 370 11.25 0.42 -3.40
C LEU B 370 10.87 -0.37 -4.64
N ILE B 371 11.69 -0.25 -5.69
CA ILE B 371 11.45 -0.93 -6.95
C ILE B 371 12.00 -2.36 -6.88
N VAL B 372 11.15 -3.34 -7.22
CA VAL B 372 11.55 -4.75 -7.08
C VAL B 372 11.39 -5.52 -8.37
N LEU B 373 12.13 -6.62 -8.49
CA LEU B 373 12.01 -7.51 -9.63
C LEU B 373 10.59 -8.05 -9.75
N ALA B 374 10.10 -8.14 -10.97
CA ALA B 374 8.79 -8.74 -11.22
C ALA B 374 8.83 -10.23 -10.89
N LYS B 375 7.73 -10.75 -10.35
CA LYS B 375 7.64 -12.16 -10.03
C LYS B 375 7.10 -12.97 -11.21
#